data_4NVR
#
_entry.id   4NVR
#
_cell.length_a   47.931
_cell.length_b   71.380
_cell.length_c   90.327
_cell.angle_alpha   113.03
_cell.angle_beta   92.41
_cell.angle_gamma   90.09
#
_symmetry.space_group_name_H-M   'P 1'
#
loop_
_entity.id
_entity.type
_entity.pdbx_description
1 polymer 'Putative acyltransferase'
2 non-polymer 'CALCIUM ION'
3 non-polymer 'CHLORIDE ION'
4 water water
#
_entity_poly.entity_id   1
_entity_poly.type   'polypeptide(L)'
_entity_poly.pdbx_seq_one_letter_code
;SNA(MSE)STLIECGASPFIPGFALKDVRLENGLTVRVAIGGSGSPLVLLHGHPQNHTTWRKVAPTLAQNHTVILPDLRG
YGDSDKPTSDPAHRTYSKRT(MSE)AQDIV(MSE)L(MSE)DALGFSRFAFVGHDRGGRVGHRLALDYPDRVTCCTFIDI
APTAT(MSE)YALTDKSFATRYFWWFFLIQPFPLPET(MSE)IAHDPAFFLRKHISGQLKIEGATSQEAFNEYLRCYQNP
E(MSE)IHAICEDYRAAATIDLDDDAADTSARIRCPLQLLWGGLGTVGQLYNVVGTWKEKALNVQGEALPCGHSPQEECP
EYFIQKLQSFLHSVL
;
_entity_poly.pdbx_strand_id   A,B,C,D
#
loop_
_chem_comp.id
_chem_comp.type
_chem_comp.name
_chem_comp.formula
CA non-polymer 'CALCIUM ION' 'Ca 2'
CL non-polymer 'CHLORIDE ION' 'Cl -1'
#
# COMPACT_ATOMS: atom_id res chain seq x y z
N THR A 6 -7.92 38.42 -11.89
CA THR A 6 -8.05 39.56 -10.93
C THR A 6 -6.68 39.86 -10.32
N LEU A 7 -6.49 41.11 -9.88
CA LEU A 7 -5.26 41.50 -9.21
C LEU A 7 -5.63 42.20 -7.92
N ILE A 8 -5.02 41.76 -6.83
CA ILE A 8 -5.22 42.40 -5.54
C ILE A 8 -3.86 42.96 -5.15
N GLU A 9 -3.84 44.19 -4.66
N GLU A 9 -3.82 44.21 -4.70
CA GLU A 9 -2.60 44.88 -4.29
CA GLU A 9 -2.58 44.84 -4.27
C GLU A 9 -2.26 44.57 -2.82
C GLU A 9 -2.28 44.50 -2.82
N CYS A 10 -1.05 44.06 -2.56
CA CYS A 10 -0.63 43.67 -1.21
C CYS A 10 0.51 44.53 -0.65
N GLY A 11 0.52 45.83 -1.00
CA GLY A 11 1.53 46.77 -0.54
C GLY A 11 2.90 46.67 -1.21
N ALA A 12 3.84 47.47 -0.72
CA ALA A 12 5.20 47.46 -1.23
C ALA A 12 5.97 46.26 -0.67
N SER A 13 6.97 45.82 -1.42
CA SER A 13 7.85 44.74 -0.98
C SER A 13 8.66 45.25 0.19
N PRO A 14 8.69 44.50 1.29
CA PRO A 14 9.50 44.95 2.41
C PRO A 14 10.98 44.61 2.20
N PHE A 15 11.28 43.81 1.18
CA PHE A 15 12.66 43.36 0.91
C PHE A 15 13.27 43.87 -0.40
N ILE A 16 12.44 44.29 -1.35
CA ILE A 16 12.96 44.71 -2.65
C ILE A 16 12.42 46.11 -2.98
N PRO A 17 13.28 47.13 -2.80
CA PRO A 17 12.83 48.52 -2.99
C PRO A 17 12.33 48.79 -4.40
N GLY A 18 11.19 49.49 -4.49
CA GLY A 18 10.63 49.86 -5.77
C GLY A 18 9.67 48.84 -6.36
N PHE A 19 9.52 47.68 -5.71
CA PHE A 19 8.64 46.63 -6.20
C PHE A 19 7.37 46.57 -5.39
N ALA A 20 6.28 46.22 -6.07
CA ALA A 20 4.97 46.11 -5.47
C ALA A 20 4.54 44.65 -5.42
N LEU A 21 3.95 44.25 -4.31
CA LEU A 21 3.51 42.86 -4.18
C LEU A 21 2.05 42.77 -4.59
N LYS A 22 1.74 41.73 -5.35
CA LYS A 22 0.38 41.49 -5.80
C LYS A 22 0.00 40.01 -5.67
N ASP A 23 -1.31 39.79 -5.54
CA ASP A 23 -1.92 38.46 -5.57
C ASP A 23 -2.73 38.40 -6.84
N VAL A 24 -2.36 37.49 -7.73
CA VAL A 24 -2.99 37.39 -9.01
C VAL A 24 -3.70 36.06 -9.16
N ARG A 25 -4.99 36.13 -9.46
CA ARG A 25 -5.80 34.96 -9.69
C ARG A 25 -5.79 34.63 -11.19
N LEU A 26 -5.40 33.42 -11.51
CA LEU A 26 -5.27 32.93 -12.89
C LEU A 26 -6.54 32.21 -13.30
N GLU A 27 -6.72 31.93 -14.61
CA GLU A 27 -7.95 31.24 -15.05
C GLU A 27 -8.02 29.78 -14.56
N ASN A 28 -6.91 29.20 -14.17
CA ASN A 28 -6.95 27.84 -13.66
C ASN A 28 -7.39 27.83 -12.20
N GLY A 29 -7.81 28.98 -11.68
CA GLY A 29 -8.32 29.08 -10.31
C GLY A 29 -7.28 29.21 -9.21
N LEU A 30 -6.00 29.32 -9.59
CA LEU A 30 -4.89 29.43 -8.65
C LEU A 30 -4.56 30.89 -8.39
N THR A 31 -4.11 31.20 -7.19
CA THR A 31 -3.68 32.55 -6.91
C THR A 31 -2.19 32.52 -6.68
N VAL A 32 -1.47 33.41 -7.34
CA VAL A 32 -0.03 33.46 -7.15
C VAL A 32 0.41 34.79 -6.56
N ARG A 33 1.49 34.72 -5.79
CA ARG A 33 2.09 35.91 -5.20
C ARG A 33 3.16 36.35 -6.20
N VAL A 34 3.19 37.65 -6.50
CA VAL A 34 4.16 38.23 -7.42
C VAL A 34 4.65 39.59 -6.95
N ALA A 35 5.92 39.88 -7.23
CA ALA A 35 6.47 41.21 -6.97
C ALA A 35 6.78 41.77 -8.35
N ILE A 36 6.34 42.98 -8.61
CA ILE A 36 6.58 43.61 -9.91
C ILE A 36 7.21 44.99 -9.70
N GLY A 37 8.19 45.29 -10.54
CA GLY A 37 8.89 46.54 -10.49
C GLY A 37 9.44 46.96 -11.85
N GLY A 38 9.79 48.24 -11.97
CA GLY A 38 10.40 48.75 -13.21
C GLY A 38 9.45 49.03 -14.35
N SER A 39 10.01 49.19 -15.54
CA SER A 39 9.24 49.51 -16.76
C SER A 39 10.03 49.02 -17.97
N GLY A 40 9.35 48.78 -19.10
CA GLY A 40 10.03 48.26 -20.31
C GLY A 40 9.63 46.80 -20.60
N SER A 41 10.38 46.11 -21.48
CA SER A 41 10.02 44.74 -21.85
C SER A 41 9.98 43.83 -20.63
N PRO A 42 9.02 42.87 -20.61
CA PRO A 42 8.83 42.00 -19.46
C PRO A 42 9.94 40.94 -19.25
N LEU A 43 10.39 40.89 -18.02
CA LEU A 43 11.42 39.96 -17.60
C LEU A 43 10.90 39.22 -16.39
N VAL A 44 10.80 37.90 -16.51
CA VAL A 44 10.40 37.04 -15.42
C VAL A 44 11.64 36.37 -14.85
N LEU A 45 11.85 36.51 -13.52
CA LEU A 45 12.94 35.82 -12.79
C LEU A 45 12.21 34.88 -11.84
N LEU A 46 12.44 33.59 -11.98
CA LEU A 46 11.73 32.56 -11.22
C LEU A 46 12.66 31.72 -10.30
N HIS A 47 12.38 31.84 -9.01
CA HIS A 47 13.19 31.21 -7.98
C HIS A 47 13.11 29.69 -7.99
N GLY A 48 13.89 29.08 -7.11
CA GLY A 48 13.86 27.61 -6.93
C GLY A 48 13.66 27.26 -5.46
N HIS A 49 14.05 26.02 -5.14
CA HIS A 49 13.96 25.45 -3.80
C HIS A 49 15.23 25.65 -3.00
N PRO A 50 15.14 25.99 -1.71
CA PRO A 50 13.98 26.25 -0.82
C PRO A 50 13.63 27.74 -0.68
N GLN A 51 13.86 28.52 -1.72
CA GLN A 51 13.60 29.95 -1.67
C GLN A 51 12.19 30.37 -2.08
N ASN A 52 12.04 31.69 -2.22
CA ASN A 52 10.85 32.30 -2.78
C ASN A 52 11.40 33.45 -3.65
N HIS A 53 10.56 34.36 -4.11
CA HIS A 53 11.01 35.37 -5.06
C HIS A 53 12.03 36.35 -4.51
N THR A 54 12.19 36.40 -3.18
CA THR A 54 13.18 37.29 -2.57
C THR A 54 14.61 36.90 -2.89
N THR A 55 14.82 35.76 -3.53
CA THR A 55 16.15 35.39 -3.94
C THR A 55 16.69 36.42 -4.97
N TRP A 56 15.79 37.20 -5.57
CA TRP A 56 16.18 38.21 -6.57
C TRP A 56 16.35 39.62 -6.03
N ARG A 57 16.30 39.74 -4.71
CA ARG A 57 16.38 41.03 -4.04
C ARG A 57 17.65 41.81 -4.37
N LYS A 58 18.75 41.12 -4.60
CA LYS A 58 19.97 41.87 -4.90
C LYS A 58 20.11 42.32 -6.37
N VAL A 59 19.37 41.70 -7.28
CA VAL A 59 19.56 42.03 -8.68
C VAL A 59 18.37 42.71 -9.32
N ALA A 60 17.19 42.42 -8.78
CA ALA A 60 15.95 42.89 -9.35
C ALA A 60 15.86 44.42 -9.57
N PRO A 61 16.27 45.24 -8.58
CA PRO A 61 16.14 46.71 -8.79
C PRO A 61 17.00 47.21 -9.94
N THR A 62 18.18 46.64 -10.13
CA THR A 62 19.03 47.05 -11.26
C THR A 62 18.39 46.67 -12.58
N LEU A 63 17.90 45.44 -12.63
CA LEU A 63 17.25 44.95 -13.82
C LEU A 63 16.01 45.77 -14.14
N ALA A 64 15.36 46.27 -13.08
CA ALA A 64 14.12 47.06 -13.24
C ALA A 64 14.35 48.38 -13.93
N GLN A 65 15.60 48.81 -14.04
CA GLN A 65 15.87 50.07 -14.73
C GLN A 65 15.56 49.99 -16.26
N ASN A 66 15.67 48.79 -16.83
CA ASN A 66 15.44 48.55 -18.26
C ASN A 66 14.31 47.58 -18.56
N HIS A 67 13.71 46.99 -17.53
CA HIS A 67 12.63 46.03 -17.76
C HIS A 67 11.55 46.12 -16.72
N THR A 68 10.38 45.56 -17.08
CA THR A 68 9.28 45.37 -16.13
C THR A 68 9.64 44.00 -15.61
N VAL A 69 10.16 43.95 -14.39
CA VAL A 69 10.63 42.70 -13.75
C VAL A 69 9.48 42.06 -12.97
N ILE A 70 9.21 40.80 -13.25
CA ILE A 70 8.11 40.07 -12.65
C ILE A 70 8.69 38.87 -11.86
N LEU A 71 8.49 38.89 -10.55
CA LEU A 71 9.05 37.89 -9.65
C LEU A 71 7.93 37.02 -9.01
N PRO A 72 7.58 35.87 -9.64
CA PRO A 72 6.53 35.07 -9.03
C PRO A 72 7.07 34.08 -8.02
N ASP A 73 6.17 33.66 -7.13
CA ASP A 73 6.40 32.57 -6.21
C ASP A 73 5.77 31.36 -6.87
N LEU A 74 6.54 30.30 -7.00
CA LEU A 74 6.07 29.04 -7.54
C LEU A 74 4.84 28.56 -6.75
N ARG A 75 3.96 27.81 -7.40
CA ARG A 75 2.85 27.23 -6.71
C ARG A 75 3.45 26.28 -5.75
N GLY A 76 2.92 26.24 -4.53
CA GLY A 76 3.45 25.41 -3.45
C GLY A 76 4.55 26.09 -2.64
N TYR A 77 5.04 27.25 -3.13
CA TYR A 77 6.17 27.96 -2.54
C TYR A 77 5.81 29.36 -2.05
N GLY A 78 6.64 29.92 -1.17
CA GLY A 78 6.45 31.29 -0.76
C GLY A 78 5.05 31.54 -0.28
N ASP A 79 4.41 32.54 -0.88
CA ASP A 79 3.05 32.94 -0.50
C ASP A 79 2.04 32.67 -1.60
N SER A 80 2.38 31.83 -2.59
CA SER A 80 1.41 31.48 -3.64
C SER A 80 0.52 30.41 -3.09
N ASP A 81 -0.60 30.11 -3.75
CA ASP A 81 -1.47 29.02 -3.29
C ASP A 81 -0.67 27.71 -3.24
N LYS A 82 -1.17 26.78 -2.44
CA LYS A 82 -0.48 25.50 -2.32
C LYS A 82 -1.52 24.40 -2.38
N PRO A 83 -2.07 24.16 -3.57
CA PRO A 83 -3.13 23.18 -3.69
C PRO A 83 -2.72 21.78 -3.33
N THR A 84 -3.65 21.04 -2.75
CA THR A 84 -3.43 19.66 -2.45
C THR A 84 -3.16 18.99 -3.82
N SER A 85 -2.45 17.87 -3.80
CA SER A 85 -1.99 17.26 -5.02
C SER A 85 -2.75 16.01 -5.43
N ASP A 86 -2.14 15.23 -6.32
CA ASP A 86 -2.78 14.08 -6.88
C ASP A 86 -1.78 12.97 -6.92
N PRO A 87 -2.27 11.74 -7.06
CA PRO A 87 -1.33 10.61 -7.00
C PRO A 87 -0.26 10.55 -8.09
N ALA A 88 -0.46 11.21 -9.23
CA ALA A 88 0.54 11.20 -10.29
C ALA A 88 1.44 12.42 -10.20
N HIS A 89 1.16 13.29 -9.24
CA HIS A 89 1.94 14.49 -9.02
C HIS A 89 1.80 15.56 -10.14
N ARG A 90 0.78 15.44 -10.96
CA ARG A 90 0.53 16.39 -12.03
C ARG A 90 0.43 17.83 -11.51
N THR A 91 -0.26 18.02 -10.40
CA THR A 91 -0.45 19.31 -9.79
C THR A 91 0.86 20.09 -9.57
N TYR A 92 1.98 19.38 -9.39
CA TYR A 92 3.28 20.05 -9.22
C TYR A 92 4.24 19.73 -10.36
N SER A 93 3.71 19.26 -11.48
CA SER A 93 4.56 18.97 -12.62
C SER A 93 5.07 20.30 -13.19
N LYS A 94 6.16 20.24 -13.95
CA LYS A 94 6.70 21.44 -14.54
C LYS A 94 5.74 21.96 -15.61
N ARG A 95 4.96 21.06 -16.23
CA ARG A 95 4.00 21.52 -17.25
C ARG A 95 2.95 22.41 -16.58
N THR A 96 2.39 21.97 -15.46
CA THR A 96 1.43 22.76 -14.70
C THR A 96 2.07 24.06 -14.19
N MSE A 97 3.29 23.97 -13.67
CA MSE A 97 3.97 25.16 -13.17
C MSE A 97 4.17 26.17 -14.30
O MSE A 97 3.91 27.35 -14.10
CB MSE A 97 5.29 24.77 -12.53
CG MSE A 97 5.06 24.44 -11.05
SE MSE A 97 6.70 23.68 -10.26
CE MSE A 97 5.98 23.15 -8.54
N ALA A 98 4.61 25.70 -15.47
CA ALA A 98 4.83 26.51 -16.67
C ALA A 98 3.55 27.22 -17.11
N GLN A 99 2.45 26.47 -17.11
CA GLN A 99 1.16 26.99 -17.43
C GLN A 99 0.80 28.15 -16.47
N ASP A 100 1.17 28.02 -15.20
CA ASP A 100 0.96 29.08 -14.21
C ASP A 100 1.66 30.35 -14.66
N ILE A 101 2.83 30.20 -15.27
CA ILE A 101 3.59 31.34 -15.69
C ILE A 101 2.99 32.07 -16.91
N VAL A 102 2.51 31.36 -17.94
CA VAL A 102 1.95 32.09 -19.09
C VAL A 102 0.58 32.69 -18.77
N MSE A 103 -0.15 32.04 -17.88
CA MSE A 103 -1.45 32.53 -17.44
C MSE A 103 -1.26 33.80 -16.64
O MSE A 103 -2.12 34.67 -16.67
CB MSE A 103 -2.17 31.48 -16.61
CG MSE A 103 -2.92 30.46 -17.47
SE MSE A 103 -3.71 29.06 -16.31
CE MSE A 103 -4.86 28.28 -17.73
N LEU A 104 -0.18 33.89 -15.89
CA LEU A 104 0.16 35.11 -15.11
C LEU A 104 0.48 36.25 -16.07
N MSE A 105 1.24 35.91 -17.11
CA MSE A 105 1.59 36.90 -18.12
C MSE A 105 0.34 37.36 -18.81
O MSE A 105 0.17 38.56 -19.03
CB MSE A 105 2.58 36.33 -19.12
CG MSE A 105 4.02 36.26 -18.61
SE MSE A 105 4.64 37.62 -17.30
CE MSE A 105 5.99 38.32 -18.53
N ASP A 106 -0.55 36.42 -19.16
CA ASP A 106 -1.83 36.77 -19.84
C ASP A 106 -2.59 37.75 -18.94
N ALA A 107 -2.55 37.48 -17.65
CA ALA A 107 -3.26 38.32 -16.67
C ALA A 107 -2.64 39.69 -16.47
N LEU A 108 -1.33 39.81 -16.71
CA LEU A 108 -0.65 41.09 -16.62
C LEU A 108 -0.57 41.77 -17.99
N GLY A 109 -1.23 41.18 -18.99
CA GLY A 109 -1.28 41.74 -20.34
C GLY A 109 -0.05 41.65 -21.23
N PHE A 110 0.98 40.89 -20.83
CA PHE A 110 2.17 40.75 -21.71
C PHE A 110 1.96 39.62 -22.71
N SER A 111 2.63 39.70 -23.84
CA SER A 111 2.52 38.66 -24.86
C SER A 111 3.81 37.86 -24.82
N ARG A 112 4.88 38.42 -25.36
N ARG A 112 4.87 38.43 -25.37
CA ARG A 112 6.15 37.74 -25.39
CA ARG A 112 6.16 37.81 -25.38
C ARG A 112 7.01 38.29 -24.25
C ARG A 112 6.91 38.24 -24.14
N PHE A 113 7.86 37.43 -23.69
CA PHE A 113 8.66 37.81 -22.55
C PHE A 113 9.96 37.06 -22.44
N ALA A 114 10.91 37.70 -21.78
CA ALA A 114 12.20 37.11 -21.49
C ALA A 114 12.03 36.38 -20.18
N PHE A 115 12.67 35.21 -20.05
CA PHE A 115 12.56 34.38 -18.87
C PHE A 115 13.92 33.94 -18.28
N VAL A 116 14.05 34.05 -16.95
CA VAL A 116 15.24 33.61 -16.21
C VAL A 116 14.71 32.66 -15.14
N GLY A 117 15.35 31.48 -15.00
CA GLY A 117 14.91 30.51 -13.99
C GLY A 117 16.04 29.85 -13.23
N HIS A 118 15.91 29.81 -11.90
CA HIS A 118 16.91 29.18 -11.01
C HIS A 118 16.39 27.91 -10.34
N ASP A 119 17.20 26.84 -10.37
CA ASP A 119 16.90 25.60 -9.63
C ASP A 119 15.53 25.10 -10.17
N ARG A 120 14.54 24.87 -9.31
CA ARG A 120 13.25 24.40 -9.83
C ARG A 120 12.72 25.31 -10.95
N GLY A 121 13.00 26.61 -10.81
CA GLY A 121 12.57 27.59 -11.75
C GLY A 121 13.11 27.38 -13.14
N GLY A 122 14.29 26.79 -13.23
CA GLY A 122 14.91 26.49 -14.51
C GLY A 122 14.22 25.32 -15.19
N ARG A 123 13.70 24.39 -14.40
CA ARG A 123 13.02 23.18 -14.92
C ARG A 123 11.65 23.61 -15.44
N VAL A 124 11.05 24.53 -14.72
CA VAL A 124 9.80 25.08 -15.15
C VAL A 124 10.05 25.77 -16.50
N GLY A 125 11.09 26.59 -16.57
CA GLY A 125 11.47 27.29 -17.78
C GLY A 125 11.70 26.42 -19.00
N HIS A 126 12.44 25.35 -18.83
CA HIS A 126 12.68 24.38 -19.91
C HIS A 126 11.36 23.89 -20.48
N ARG A 127 10.43 23.51 -19.60
CA ARG A 127 9.13 23.03 -20.06
C ARG A 127 8.30 24.19 -20.67
N LEU A 128 8.49 25.39 -20.12
CA LEU A 128 7.80 26.58 -20.61
C LEU A 128 8.21 26.88 -22.03
N ALA A 129 9.51 26.77 -22.30
CA ALA A 129 10.04 27.09 -23.61
C ALA A 129 9.59 26.09 -24.69
N LEU A 130 9.26 24.87 -24.27
CA LEU A 130 8.80 23.81 -25.19
C LEU A 130 7.28 23.84 -25.44
N ASP A 131 6.51 24.05 -24.40
CA ASP A 131 5.08 24.12 -24.54
C ASP A 131 4.60 25.43 -25.18
N TYR A 132 5.36 26.51 -25.04
CA TYR A 132 4.96 27.82 -25.60
C TYR A 132 6.14 28.52 -26.26
N PRO A 133 6.64 27.97 -27.36
CA PRO A 133 7.81 28.56 -28.01
C PRO A 133 7.63 30.00 -28.53
N ASP A 134 6.41 30.42 -28.87
CA ASP A 134 6.24 31.78 -29.38
C ASP A 134 6.22 32.82 -28.28
N ARG A 135 5.86 32.42 -27.07
CA ARG A 135 5.79 33.38 -25.98
C ARG A 135 7.14 33.82 -25.45
N VAL A 136 8.10 32.90 -25.32
CA VAL A 136 9.39 33.22 -24.71
C VAL A 136 10.39 33.73 -25.73
N THR A 137 10.96 34.92 -25.50
CA THR A 137 11.96 35.53 -26.41
C THR A 137 13.38 35.00 -26.18
N CYS A 138 13.66 34.58 -24.96
CA CYS A 138 14.95 33.99 -24.65
C CYS A 138 14.91 33.38 -23.25
N CYS A 139 15.87 32.53 -22.96
CA CYS A 139 15.94 31.85 -21.67
C CYS A 139 17.30 31.89 -21.03
N THR A 140 17.31 31.95 -19.69
CA THR A 140 18.54 31.86 -18.91
C THR A 140 18.28 30.88 -17.77
N PHE A 141 18.90 29.70 -17.82
CA PHE A 141 18.74 28.72 -16.78
C PHE A 141 19.98 28.69 -15.88
N ILE A 142 19.72 28.88 -14.58
CA ILE A 142 20.79 29.01 -13.62
C ILE A 142 21.06 27.77 -12.74
N ASP A 143 22.29 27.28 -12.85
CA ASP A 143 22.82 26.18 -12.10
C ASP A 143 22.11 24.83 -12.19
N ILE A 144 21.61 24.51 -13.38
CA ILE A 144 20.97 23.22 -13.64
C ILE A 144 21.35 22.57 -14.98
N ALA A 145 21.23 21.26 -15.01
CA ALA A 145 21.39 20.46 -16.20
C ALA A 145 19.98 19.93 -16.39
N PRO A 146 19.62 19.40 -17.56
CA PRO A 146 18.23 19.00 -17.69
C PRO A 146 17.77 17.90 -16.74
N THR A 147 16.51 17.95 -16.32
CA THR A 147 16.00 16.92 -15.39
C THR A 147 16.20 15.45 -15.91
N ALA A 148 15.89 15.19 -17.18
CA ALA A 148 16.00 13.82 -17.74
C ALA A 148 17.44 13.33 -17.77
N THR A 149 18.35 14.26 -18.02
CA THR A 149 19.74 13.99 -18.09
C THR A 149 20.28 13.60 -16.72
N MSE A 150 19.90 14.35 -15.70
CA MSE A 150 20.34 14.06 -14.35
C MSE A 150 19.99 12.64 -13.95
O MSE A 150 20.87 11.85 -13.58
CB MSE A 150 19.68 15.03 -13.36
CG MSE A 150 20.10 16.49 -13.50
SE MSE A 150 21.88 16.87 -12.71
CE MSE A 150 22.99 16.02 -14.08
N TYR A 151 18.71 12.28 -14.02
CA TYR A 151 18.31 10.93 -13.63
C TYR A 151 18.86 9.85 -14.55
N ALA A 152 18.99 10.13 -15.85
CA ALA A 152 19.52 9.12 -16.76
C ALA A 152 20.95 8.79 -16.42
N LEU A 153 21.69 9.76 -15.88
CA LEU A 153 23.10 9.50 -15.53
C LEU A 153 23.31 9.09 -14.07
N THR A 154 22.24 8.68 -13.40
CA THR A 154 22.36 8.28 -12.03
C THR A 154 23.47 7.22 -11.91
N ASP A 155 24.46 7.50 -11.07
CA ASP A 155 25.52 6.55 -10.70
C ASP A 155 25.83 6.71 -9.21
N LYS A 156 26.81 5.95 -8.72
CA LYS A 156 27.17 6.08 -7.31
C LYS A 156 27.42 7.54 -6.90
N SER A 157 28.20 8.24 -7.73
CA SER A 157 28.57 9.63 -7.47
C SER A 157 27.36 10.58 -7.50
N PHE A 158 26.52 10.48 -8.53
CA PHE A 158 25.33 11.33 -8.61
C PHE A 158 24.42 11.11 -7.40
N ALA A 159 24.12 9.86 -7.10
CA ALA A 159 23.23 9.56 -5.97
C ALA A 159 23.81 10.02 -4.62
N THR A 160 25.13 10.16 -4.56
CA THR A 160 25.77 10.62 -3.32
C THR A 160 25.68 12.14 -3.18
N ARG A 161 26.11 12.83 -4.22
CA ARG A 161 26.14 14.29 -4.28
C ARG A 161 24.73 14.92 -4.33
N TYR A 162 23.78 14.24 -4.95
CA TYR A 162 22.39 14.70 -5.03
C TYR A 162 21.45 13.75 -4.26
N PHE A 163 21.80 13.41 -3.03
CA PHE A 163 20.99 12.42 -2.34
C PHE A 163 19.56 12.84 -2.10
N TRP A 164 19.27 14.13 -1.99
CA TRP A 164 17.87 14.58 -1.83
C TRP A 164 16.97 14.15 -3.01
N TRP A 165 17.57 13.98 -4.19
CA TRP A 165 16.83 13.57 -5.39
C TRP A 165 16.29 12.15 -5.29
N PHE A 166 16.78 11.42 -4.29
CA PHE A 166 16.34 10.06 -3.99
C PHE A 166 15.63 9.97 -2.64
N PHE A 167 15.81 10.99 -1.81
CA PHE A 167 15.16 11.05 -0.51
C PHE A 167 13.82 11.80 -0.59
N LEU A 168 13.80 12.92 -1.29
CA LEU A 168 12.57 13.73 -1.35
C LEU A 168 11.50 13.05 -2.17
N ILE A 169 11.90 12.04 -2.96
CA ILE A 169 10.94 11.32 -3.79
C ILE A 169 10.35 10.07 -3.16
N GLN A 170 10.74 9.71 -1.93
CA GLN A 170 10.15 8.53 -1.29
C GLN A 170 8.67 8.78 -1.10
N PRO A 171 7.89 7.69 -0.94
CA PRO A 171 6.45 7.88 -0.85
C PRO A 171 6.03 8.66 0.38
N PHE A 172 4.98 9.48 0.23
CA PHE A 172 4.37 10.23 1.33
C PHE A 172 4.11 9.26 2.45
N PRO A 173 4.31 9.69 3.70
CA PRO A 173 4.73 11.00 4.18
C PRO A 173 6.12 10.98 4.73
N LEU A 174 6.99 10.18 4.16
CA LEU A 174 8.32 10.02 4.75
C LEU A 174 9.18 11.28 4.75
N PRO A 175 9.45 11.85 3.58
CA PRO A 175 10.26 13.06 3.61
C PRO A 175 9.54 14.21 4.31
N GLU A 176 8.23 14.28 4.12
CA GLU A 176 7.48 15.35 4.79
C GLU A 176 7.62 15.18 6.29
N THR A 177 7.68 13.95 6.77
CA THR A 177 7.78 13.79 8.23
C THR A 177 9.17 14.12 8.70
N MSE A 178 10.18 13.74 7.94
CA MSE A 178 11.55 13.99 8.37
C MSE A 178 11.86 15.47 8.46
O MSE A 178 12.38 15.93 9.46
CB MSE A 178 12.56 13.36 7.43
CG MSE A 178 12.21 11.91 7.25
SE MSE A 178 13.15 10.82 8.58
CE MSE A 178 14.48 10.24 7.27
N ILE A 179 11.55 16.21 7.38
CA ILE A 179 11.79 17.64 7.36
C ILE A 179 11.06 18.33 8.50
N ALA A 180 9.82 17.94 8.75
CA ALA A 180 9.03 18.59 9.79
C ALA A 180 9.67 18.45 11.17
N HIS A 181 10.55 17.48 11.36
CA HIS A 181 11.20 17.33 12.68
C HIS A 181 11.97 18.56 13.05
N ASP A 182 12.56 19.22 12.05
CA ASP A 182 13.35 20.43 12.29
C ASP A 182 13.54 21.20 10.97
N PRO A 183 12.53 21.98 10.60
CA PRO A 183 12.61 22.69 9.33
C PRO A 183 13.85 23.57 9.19
N ALA A 184 14.19 24.34 10.21
CA ALA A 184 15.36 25.24 10.07
C ALA A 184 16.63 24.47 9.77
N PHE A 185 16.80 23.31 10.42
CA PHE A 185 17.97 22.47 10.16
C PHE A 185 18.01 22.07 8.69
N PHE A 186 16.92 21.53 8.14
CA PHE A 186 16.92 21.16 6.71
C PHE A 186 17.16 22.35 5.79
N LEU A 187 16.59 23.51 6.15
CA LEU A 187 16.78 24.69 5.32
C LEU A 187 18.25 25.09 5.35
N ARG A 188 18.89 25.02 6.50
N ARG A 188 18.87 24.98 6.53
CA ARG A 188 20.29 25.38 6.57
CA ARG A 188 20.30 25.27 6.77
C ARG A 188 21.10 24.49 5.61
C ARG A 188 21.27 24.34 6.01
N LYS A 189 20.77 23.19 5.55
CA LYS A 189 21.56 22.26 4.70
C LYS A 189 21.40 22.64 3.25
N HIS A 190 20.17 22.96 2.85
CA HIS A 190 19.90 23.37 1.48
C HIS A 190 20.50 24.75 1.18
N ILE A 191 20.68 25.60 2.18
CA ILE A 191 21.25 26.93 1.94
C ILE A 191 22.74 27.06 2.20
N SER A 192 23.24 26.55 3.33
CA SER A 192 24.67 26.67 3.64
C SER A 192 25.53 25.75 2.79
N GLY A 193 24.90 24.74 2.20
CA GLY A 193 25.58 23.83 1.29
C GLY A 193 25.72 24.50 -0.07
N GLN A 194 24.69 25.27 -0.44
CA GLN A 194 24.66 26.01 -1.69
C GLN A 194 25.70 27.12 -1.79
N LEU A 195 25.90 27.86 -0.68
CA LEU A 195 26.81 29.02 -0.65
C LEU A 195 28.28 28.70 -0.29
N LYS A 196 28.53 28.40 0.98
CA LYS A 196 29.90 28.15 1.51
C LYS A 196 30.96 29.12 0.97
N ILE A 197 30.72 30.41 1.26
CA ILE A 197 31.59 31.57 0.94
C ILE A 197 31.01 32.79 1.67
N GLU A 198 31.54 33.06 2.85
CA GLU A 198 31.10 34.16 3.77
C GLU A 198 29.76 34.90 3.51
N GLY A 199 28.76 34.46 4.25
CA GLY A 199 27.39 35.03 4.35
C GLY A 199 26.62 35.65 3.20
N ALA A 200 26.42 34.90 2.12
CA ALA A 200 25.63 35.39 0.99
C ALA A 200 24.14 35.57 1.38
N THR A 201 23.71 34.88 2.44
CA THR A 201 22.34 34.95 2.91
C THR A 201 22.33 35.48 4.33
N SER A 202 21.83 36.71 4.49
CA SER A 202 21.74 37.32 5.79
C SER A 202 20.70 36.64 6.73
N GLN A 203 20.79 36.93 8.02
N GLN A 203 20.81 36.93 8.02
CA GLN A 203 19.87 36.34 8.99
CA GLN A 203 19.87 36.42 9.01
C GLN A 203 18.45 36.76 8.60
C GLN A 203 18.45 36.76 8.59
N GLU A 204 18.26 38.02 8.21
CA GLU A 204 16.94 38.50 7.78
C GLU A 204 16.38 37.73 6.57
N ALA A 205 17.17 37.54 5.52
CA ALA A 205 16.70 36.76 4.35
C ALA A 205 16.47 35.26 4.68
N PHE A 206 17.31 34.70 5.52
CA PHE A 206 17.14 33.32 5.95
C PHE A 206 15.82 33.23 6.72
N ASN A 207 15.57 34.17 7.63
CA ASN A 207 14.30 34.13 8.39
C ASN A 207 13.09 34.20 7.49
N GLU A 208 13.19 34.98 6.42
CA GLU A 208 12.07 35.09 5.47
C GLU A 208 11.85 33.79 4.74
N TYR A 209 12.93 33.14 4.33
CA TYR A 209 12.78 31.84 3.67
C TYR A 209 12.22 30.81 4.67
N LEU A 210 12.63 30.92 5.93
CA LEU A 210 12.17 29.99 6.99
C LEU A 210 10.69 30.15 7.28
N ARG A 211 10.25 31.41 7.31
CA ARG A 211 8.85 31.73 7.54
C ARG A 211 8.01 30.92 6.60
N CYS A 212 8.40 30.86 5.33
CA CYS A 212 7.64 30.10 4.33
C CYS A 212 7.82 28.59 4.46
N TYR A 213 9.07 28.18 4.69
CA TYR A 213 9.43 26.75 4.77
C TYR A 213 8.81 26.02 5.96
N GLN A 214 8.36 26.77 6.98
CA GLN A 214 7.76 26.19 8.18
C GLN A 214 6.29 25.78 8.00
N ASN A 215 5.73 26.11 6.84
CA ASN A 215 4.36 25.75 6.50
C ASN A 215 4.40 24.36 5.87
N PRO A 216 3.78 23.35 6.54
CA PRO A 216 3.85 21.99 6.05
C PRO A 216 3.24 21.85 4.65
N GLU A 217 2.45 22.82 4.23
CA GLU A 217 1.84 22.74 2.90
C GLU A 217 2.90 22.97 1.83
N MSE A 218 3.91 23.80 2.15
CA MSE A 218 5.03 24.04 1.28
C MSE A 218 5.91 22.80 1.33
O MSE A 218 6.37 22.32 0.28
CB MSE A 218 5.85 25.25 1.71
CG MSE A 218 7.20 25.34 1.00
SE MSE A 218 8.10 27.07 1.15
CE MSE A 218 9.68 26.79 0.04
N ILE A 219 6.14 22.28 2.53
N ILE A 219 6.14 22.27 2.53
CA ILE A 219 6.97 21.07 2.67
CA ILE A 219 6.99 21.07 2.62
C ILE A 219 6.46 19.99 1.74
C ILE A 219 6.45 19.98 1.73
N HIS A 220 5.15 19.76 1.76
CA HIS A 220 4.54 18.73 0.93
C HIS A 220 4.64 19.08 -0.55
N ALA A 221 4.35 20.33 -0.92
CA ALA A 221 4.46 20.75 -2.34
C ALA A 221 5.86 20.50 -2.89
N ILE A 222 6.85 20.77 -2.03
CA ILE A 222 8.25 20.58 -2.38
C ILE A 222 8.50 19.10 -2.69
N CYS A 223 7.96 18.21 -1.86
CA CYS A 223 8.18 16.79 -2.08
C CYS A 223 7.42 16.34 -3.36
N GLU A 224 6.24 16.92 -3.63
CA GLU A 224 5.44 16.55 -4.82
C GLU A 224 6.15 17.02 -6.11
N ASP A 225 6.82 18.16 -6.00
CA ASP A 225 7.62 18.75 -7.06
C ASP A 225 8.73 17.74 -7.41
N TYR A 226 9.47 17.33 -6.38
CA TYR A 226 10.53 16.35 -6.56
C TYR A 226 9.98 15.04 -7.05
N ARG A 227 8.87 14.56 -6.48
CA ARG A 227 8.24 13.30 -6.95
C ARG A 227 7.87 13.39 -8.43
N ALA A 228 7.32 14.53 -8.84
CA ALA A 228 6.97 14.73 -10.23
C ALA A 228 8.19 14.67 -11.13
N ALA A 229 9.30 15.26 -10.68
CA ALA A 229 10.54 15.31 -11.43
C ALA A 229 11.07 13.92 -11.71
N ALA A 230 10.74 12.97 -10.85
CA ALA A 230 11.14 11.58 -11.02
C ALA A 230 10.06 10.76 -11.70
N THR A 231 8.90 11.37 -11.99
CA THR A 231 7.84 10.57 -12.60
C THR A 231 7.14 11.23 -13.78
N ILE A 232 6.09 12.02 -13.50
CA ILE A 232 5.29 12.65 -14.56
C ILE A 232 6.11 13.58 -15.44
N ASP A 233 7.03 14.33 -14.85
CA ASP A 233 7.93 15.22 -15.62
C ASP A 233 8.78 14.43 -16.61
N LEU A 234 9.23 13.24 -16.22
CA LEU A 234 10.04 12.44 -17.13
C LEU A 234 9.15 11.88 -18.25
N ASP A 235 7.92 11.49 -17.91
CA ASP A 235 6.95 11.05 -18.95
C ASP A 235 6.78 12.20 -19.97
N ASP A 236 6.45 13.41 -19.47
CA ASP A 236 6.30 14.57 -20.37
C ASP A 236 7.59 14.82 -21.21
N ASP A 237 8.77 14.77 -20.57
CA ASP A 237 10.04 15.03 -21.26
C ASP A 237 10.39 13.97 -22.33
N ALA A 238 10.00 12.72 -22.12
CA ALA A 238 10.26 11.69 -23.12
C ALA A 238 9.28 11.82 -24.31
N ALA A 239 8.04 12.19 -24.01
CA ALA A 239 6.99 12.31 -25.04
C ALA A 239 7.31 13.30 -26.15
N ASP A 240 8.12 14.31 -25.83
CA ASP A 240 8.57 15.28 -26.83
C ASP A 240 10.09 15.49 -26.81
N THR A 241 10.86 14.42 -26.65
CA THR A 241 12.31 14.51 -26.62
C THR A 241 12.97 14.93 -27.94
N SER A 242 12.23 14.80 -29.05
N SER A 242 12.24 14.80 -29.05
CA SER A 242 12.71 15.20 -30.36
CA SER A 242 12.76 15.22 -30.36
C SER A 242 12.60 16.72 -30.57
C SER A 242 12.67 16.74 -30.52
N ALA A 243 11.80 17.37 -29.73
CA ALA A 243 11.63 18.82 -29.82
C ALA A 243 12.79 19.57 -29.15
N ARG A 244 13.02 20.80 -29.58
CA ARG A 244 14.10 21.64 -29.07
C ARG A 244 13.63 23.05 -28.71
N ILE A 245 14.26 23.65 -27.69
CA ILE A 245 13.99 25.01 -27.30
C ILE A 245 14.35 25.89 -28.51
N ARG A 246 13.40 26.70 -28.94
CA ARG A 246 13.57 27.56 -30.13
C ARG A 246 14.35 28.85 -29.84
N CYS A 247 14.05 29.50 -28.73
CA CYS A 247 14.69 30.76 -28.40
C CYS A 247 16.11 30.58 -27.89
N PRO A 248 16.93 31.64 -27.98
CA PRO A 248 18.28 31.59 -27.46
C PRO A 248 18.33 31.17 -25.98
N LEU A 249 19.28 30.30 -25.66
CA LEU A 249 19.38 29.83 -24.30
C LEU A 249 20.74 30.14 -23.71
N GLN A 250 20.72 30.66 -22.49
CA GLN A 250 21.93 30.97 -21.77
C GLN A 250 21.98 30.19 -20.47
N LEU A 251 23.15 29.61 -20.20
CA LEU A 251 23.37 28.88 -18.97
C LEU A 251 24.37 29.65 -18.10
N LEU A 252 24.03 29.89 -16.82
CA LEU A 252 24.94 30.54 -15.88
C LEU A 252 24.97 29.62 -14.69
N TRP A 253 26.15 29.16 -14.31
CA TRP A 253 26.26 28.21 -13.21
C TRP A 253 27.47 28.48 -12.37
N GLY A 254 27.45 28.01 -11.14
CA GLY A 254 28.56 28.25 -10.24
C GLY A 254 29.72 27.34 -10.52
N GLY A 255 30.87 27.91 -10.83
CA GLY A 255 32.09 27.13 -11.09
C GLY A 255 32.47 26.26 -9.90
N LEU A 256 32.03 26.67 -8.70
CA LEU A 256 32.30 25.94 -7.46
C LEU A 256 31.05 25.27 -6.91
N GLY A 257 29.99 25.19 -7.70
CA GLY A 257 28.80 24.49 -7.26
C GLY A 257 28.98 23.00 -7.59
N THR A 258 28.00 22.20 -7.20
CA THR A 258 28.04 20.78 -7.44
C THR A 258 27.91 20.41 -8.91
N VAL A 259 26.91 20.97 -9.60
CA VAL A 259 26.68 20.62 -10.99
C VAL A 259 27.83 21.07 -11.87
N GLY A 260 28.47 22.17 -11.54
CA GLY A 260 29.59 22.69 -12.34
C GLY A 260 30.84 21.85 -12.19
N GLN A 261 30.96 21.17 -11.05
CA GLN A 261 32.10 20.31 -10.77
C GLN A 261 31.90 18.88 -11.28
N LEU A 262 30.66 18.53 -11.62
CA LEU A 262 30.34 17.19 -12.13
C LEU A 262 30.08 17.09 -13.63
N TYR A 263 29.45 18.09 -14.23
CA TYR A 263 29.15 17.96 -15.64
C TYR A 263 29.51 19.18 -16.43
N ASN A 264 29.67 18.96 -17.73
CA ASN A 264 29.91 20.02 -18.67
C ASN A 264 28.54 20.65 -18.85
N VAL A 265 28.25 21.72 -18.10
CA VAL A 265 26.92 22.30 -18.10
C VAL A 265 26.35 22.63 -19.47
N VAL A 266 27.08 23.43 -20.24
CA VAL A 266 26.63 23.80 -21.61
C VAL A 266 26.40 22.54 -22.46
N GLY A 267 27.28 21.54 -22.30
CA GLY A 267 27.17 20.25 -23.00
C GLY A 267 25.84 19.50 -22.75
N THR A 268 25.30 19.61 -21.53
CA THR A 268 24.03 18.95 -21.19
C THR A 268 22.83 19.62 -21.88
N TRP A 269 23.00 20.85 -22.36
CA TRP A 269 21.90 21.54 -23.01
C TRP A 269 21.94 21.57 -24.56
N LYS A 270 22.99 21.00 -25.17
CA LYS A 270 23.12 20.99 -26.66
C LYS A 270 22.02 20.23 -27.42
N GLU A 271 21.66 19.03 -26.97
CA GLU A 271 20.62 18.20 -27.65
C GLU A 271 19.23 18.81 -27.39
N LYS A 272 19.13 19.59 -26.31
CA LYS A 272 17.87 20.16 -25.88
C LYS A 272 17.51 21.52 -26.45
N ALA A 273 18.44 22.20 -27.11
CA ALA A 273 18.20 23.55 -27.62
C ALA A 273 18.88 23.83 -28.98
N LEU A 274 18.45 24.90 -29.67
CA LEU A 274 19.09 25.29 -30.94
C LEU A 274 20.42 26.04 -30.70
N ASN A 275 20.29 27.26 -30.19
N ASN A 275 20.37 27.17 -30.00
CA ASN A 275 21.40 28.16 -29.94
CA ASN A 275 21.58 27.94 -29.68
C ASN A 275 21.60 28.29 -28.45
C ASN A 275 21.86 28.06 -28.19
N VAL A 276 22.78 27.86 -28.01
N VAL A 276 22.88 27.36 -27.70
CA VAL A 276 23.14 27.81 -26.59
CA VAL A 276 23.21 27.50 -26.29
C VAL A 276 24.44 28.56 -26.32
C VAL A 276 24.56 28.20 -26.14
N GLN A 277 24.65 28.96 -25.06
CA GLN A 277 25.89 29.62 -24.68
C GLN A 277 25.87 29.64 -23.14
N GLY A 278 27.04 29.80 -22.53
CA GLY A 278 27.08 29.85 -21.08
C GLY A 278 28.46 30.12 -20.52
N GLU A 279 28.51 30.25 -19.20
CA GLU A 279 29.74 30.55 -18.48
C GLU A 279 29.62 30.22 -16.98
N ALA A 280 30.75 29.97 -16.36
CA ALA A 280 30.77 29.70 -14.93
C ALA A 280 30.98 31.01 -14.19
N LEU A 281 30.32 31.16 -13.05
CA LEU A 281 30.47 32.35 -12.24
C LEU A 281 31.23 32.04 -10.92
N PRO A 282 31.84 33.06 -10.30
CA PRO A 282 32.61 32.87 -9.07
C PRO A 282 31.74 32.68 -7.82
N CYS A 283 30.98 31.60 -7.80
CA CYS A 283 30.09 31.28 -6.71
C CYS A 283 29.75 29.81 -6.78
N GLY A 284 28.89 29.38 -5.85
CA GLY A 284 28.34 28.03 -5.82
C GLY A 284 27.00 28.06 -6.56
N HIS A 285 25.94 27.62 -5.88
CA HIS A 285 24.65 27.41 -6.50
C HIS A 285 23.75 28.61 -6.86
N SER A 286 23.95 29.74 -6.17
N SER A 286 23.91 29.72 -6.14
CA SER A 286 23.09 30.91 -6.35
CA SER A 286 23.04 30.88 -6.35
C SER A 286 23.85 32.17 -6.69
C SER A 286 23.83 32.14 -6.68
N PRO A 287 24.12 32.36 -7.98
CA PRO A 287 24.87 33.56 -8.33
C PRO A 287 24.09 34.86 -8.05
N GLN A 288 22.77 34.81 -8.03
CA GLN A 288 22.04 36.07 -7.79
C GLN A 288 22.20 36.56 -6.35
N GLU A 289 22.55 35.65 -5.45
CA GLU A 289 22.75 36.02 -4.04
C GLU A 289 24.22 36.21 -3.70
N GLU A 290 25.06 35.34 -4.26
CA GLU A 290 26.50 35.29 -3.98
C GLU A 290 27.40 36.25 -4.74
N CYS A 291 27.14 36.44 -6.03
CA CYS A 291 27.94 37.33 -6.87
C CYS A 291 26.97 38.10 -7.80
N PRO A 292 26.08 38.92 -7.19
CA PRO A 292 25.03 39.63 -7.86
C PRO A 292 25.50 40.53 -9.00
N GLU A 293 26.54 41.32 -8.76
N GLU A 293 26.53 41.33 -8.74
CA GLU A 293 27.07 42.25 -9.74
CA GLU A 293 27.10 42.22 -9.76
C GLU A 293 27.58 41.51 -11.00
C GLU A 293 27.51 41.45 -11.00
N TYR A 294 28.29 40.40 -10.78
CA TYR A 294 28.81 39.57 -11.87
C TYR A 294 27.60 38.93 -12.60
N PHE A 295 26.59 38.52 -11.84
CA PHE A 295 25.38 37.93 -12.41
C PHE A 295 24.64 38.88 -13.35
N ILE A 296 24.47 40.12 -12.92
CA ILE A 296 23.78 41.15 -13.71
C ILE A 296 24.48 41.41 -15.06
N GLN A 297 25.76 41.72 -15.00
CA GLN A 297 26.53 41.91 -16.19
C GLN A 297 26.27 40.82 -17.22
N LYS A 298 26.44 39.55 -16.81
CA LYS A 298 26.23 38.40 -17.71
C LYS A 298 24.82 38.29 -18.26
N LEU A 299 23.83 38.58 -17.43
CA LEU A 299 22.45 38.51 -17.88
C LEU A 299 22.13 39.66 -18.86
N GLN A 300 22.64 40.86 -18.56
CA GLN A 300 22.43 42.06 -19.39
C GLN A 300 22.97 41.88 -20.80
N SER A 301 24.19 41.38 -20.90
CA SER A 301 24.84 41.13 -22.20
C SER A 301 23.99 40.22 -23.06
N PHE A 302 23.50 39.16 -22.44
CA PHE A 302 22.67 38.19 -23.14
C PHE A 302 21.33 38.80 -23.61
N LEU A 303 20.63 39.46 -22.69
CA LEU A 303 19.32 40.05 -22.96
C LEU A 303 19.39 41.10 -24.03
N HIS A 304 20.41 41.95 -23.96
CA HIS A 304 20.56 43.00 -24.94
C HIS A 304 21.08 42.48 -26.28
N SER A 305 21.68 41.28 -26.34
CA SER A 305 22.15 40.70 -27.61
C SER A 305 21.00 40.02 -28.38
N VAL A 306 19.95 39.60 -27.67
CA VAL A 306 18.81 38.94 -28.28
C VAL A 306 17.98 39.96 -29.06
N LEU A 307 17.95 39.80 -30.38
CA LEU A 307 17.18 40.72 -31.22
C LEU A 307 15.75 40.23 -31.30
N THR B 6 4.48 -43.00 6.19
CA THR B 6 5.55 -42.88 7.24
C THR B 6 5.21 -41.82 8.29
N LEU B 7 5.72 -42.01 9.50
CA LEU B 7 5.51 -41.11 10.63
C LEU B 7 6.82 -40.52 11.07
N ILE B 8 6.82 -39.23 11.42
CA ILE B 8 7.99 -38.62 11.98
C ILE B 8 7.57 -37.97 13.29
N GLU B 9 8.30 -38.26 14.35
CA GLU B 9 8.01 -37.72 15.68
C GLU B 9 8.50 -36.28 15.74
N CYS B 10 7.60 -35.35 16.09
CA CYS B 10 7.93 -33.91 16.18
C CYS B 10 7.92 -33.34 17.62
N GLY B 11 8.11 -34.20 18.62
CA GLY B 11 8.14 -33.82 20.03
C GLY B 11 6.79 -33.71 20.73
N ALA B 12 6.84 -33.42 22.04
CA ALA B 12 5.64 -33.24 22.83
C ALA B 12 4.91 -31.95 22.40
N SER B 13 3.59 -31.95 22.51
CA SER B 13 2.83 -30.73 22.18
C SER B 13 3.09 -29.72 23.28
N PRO B 14 3.46 -28.49 22.92
CA PRO B 14 3.66 -27.47 23.96
C PRO B 14 2.37 -26.81 24.46
N PHE B 15 1.22 -27.23 23.91
CA PHE B 15 -0.07 -26.64 24.25
C PHE B 15 -1.13 -27.62 24.76
N ILE B 16 -0.89 -28.91 24.61
CA ILE B 16 -1.89 -29.90 25.03
C ILE B 16 -1.12 -31.02 25.75
N PRO B 17 -1.16 -31.03 27.08
CA PRO B 17 -0.36 -32.01 27.81
C PRO B 17 -0.71 -33.45 27.45
N GLY B 18 0.31 -34.32 27.39
CA GLY B 18 0.13 -35.73 27.10
C GLY B 18 0.02 -36.02 25.62
N PHE B 19 -0.03 -34.99 24.78
CA PHE B 19 -0.15 -35.21 23.34
C PHE B 19 1.20 -35.10 22.65
N ALA B 20 1.42 -35.98 21.67
CA ALA B 20 2.67 -36.03 20.94
C ALA B 20 2.42 -35.47 19.54
N LEU B 21 3.35 -34.69 19.00
CA LEU B 21 3.16 -34.15 17.65
C LEU B 21 3.88 -35.04 16.63
N LYS B 22 3.27 -35.23 15.47
CA LYS B 22 3.83 -36.04 14.41
C LYS B 22 3.49 -35.44 13.04
N ASP B 23 4.40 -35.68 12.08
CA ASP B 23 4.21 -35.34 10.69
C ASP B 23 4.00 -36.68 10.01
N VAL B 24 2.86 -36.81 9.33
CA VAL B 24 2.48 -38.04 8.67
C VAL B 24 2.34 -37.84 7.16
N ARG B 25 3.10 -38.62 6.40
CA ARG B 25 3.05 -38.55 4.96
C ARG B 25 1.97 -39.49 4.45
N LEU B 26 1.02 -38.95 3.72
CA LEU B 26 -0.09 -39.73 3.19
C LEU B 26 0.32 -40.22 1.82
N GLU B 27 -0.44 -41.17 1.25
CA GLU B 27 -0.08 -41.71 -0.09
C GLU B 27 -0.42 -40.81 -1.26
N ASN B 28 -1.17 -39.75 -1.01
CA ASN B 28 -1.46 -38.78 -2.05
C ASN B 28 -0.26 -37.85 -2.10
N GLY B 29 0.75 -38.10 -1.28
CA GLY B 29 1.97 -37.31 -1.27
C GLY B 29 2.00 -36.15 -0.29
N LEU B 30 0.89 -35.92 0.40
CA LEU B 30 0.79 -34.80 1.33
C LEU B 30 1.23 -35.19 2.75
N THR B 31 1.91 -34.27 3.42
CA THR B 31 2.32 -34.46 4.79
C THR B 31 1.43 -33.62 5.68
N VAL B 32 0.82 -34.26 6.68
CA VAL B 32 -0.08 -33.57 7.61
C VAL B 32 0.44 -33.60 9.04
N ARG B 33 0.09 -32.58 9.79
CA ARG B 33 0.54 -32.44 11.15
C ARG B 33 -0.63 -32.92 11.99
N VAL B 34 -0.32 -33.71 13.01
CA VAL B 34 -1.34 -34.28 13.87
C VAL B 34 -0.84 -34.35 15.29
N ALA B 35 -1.72 -34.17 16.27
CA ALA B 35 -1.37 -34.35 17.68
C ALA B 35 -2.12 -35.57 18.11
N ILE B 36 -1.46 -36.48 18.82
CA ILE B 36 -2.10 -37.72 19.21
C ILE B 36 -1.90 -37.95 20.67
N GLY B 37 -2.96 -38.36 21.33
CA GLY B 37 -2.92 -38.65 22.75
C GLY B 37 -3.99 -39.61 23.18
N GLY B 38 -3.82 -40.12 24.39
CA GLY B 38 -4.78 -41.04 24.99
C GLY B 38 -4.69 -42.46 24.49
N SER B 39 -5.73 -43.24 24.80
CA SER B 39 -5.83 -44.64 24.39
C SER B 39 -7.31 -45.04 24.41
N GLY B 40 -7.67 -46.07 23.64
CA GLY B 40 -9.05 -46.52 23.51
C GLY B 40 -9.50 -46.25 22.08
N SER B 41 -10.79 -46.40 21.80
N SER B 41 -10.79 -46.45 21.78
CA SER B 41 -11.30 -46.18 20.44
CA SER B 41 -11.31 -46.27 20.42
C SER B 41 -10.86 -44.84 19.89
C SER B 41 -10.93 -44.88 19.88
N PRO B 42 -10.60 -44.79 18.57
CA PRO B 42 -10.16 -43.54 17.94
C PRO B 42 -11.23 -42.45 17.84
N LEU B 43 -10.83 -41.22 18.19
CA LEU B 43 -11.72 -40.07 18.17
C LEU B 43 -10.95 -38.94 17.48
N VAL B 44 -11.35 -38.62 16.25
CA VAL B 44 -10.77 -37.52 15.48
C VAL B 44 -11.56 -36.24 15.80
N LEU B 45 -10.86 -35.16 16.17
CA LEU B 45 -11.46 -33.85 16.39
C LEU B 45 -10.81 -32.95 15.38
N LEU B 46 -11.60 -32.39 14.45
CA LEU B 46 -11.06 -31.55 13.34
C LEU B 46 -11.52 -30.09 13.37
N HIS B 47 -10.52 -29.22 13.48
CA HIS B 47 -10.73 -27.80 13.60
C HIS B 47 -11.20 -27.19 12.29
N GLY B 48 -11.51 -25.90 12.36
CA GLY B 48 -11.90 -25.11 11.18
C GLY B 48 -11.08 -23.83 11.06
N HIS B 49 -11.70 -22.83 10.45
CA HIS B 49 -11.07 -21.54 10.17
C HIS B 49 -11.38 -20.48 11.21
N PRO B 50 -10.39 -19.65 11.59
CA PRO B 50 -8.98 -19.59 11.24
C PRO B 50 -8.04 -20.27 12.28
N GLN B 51 -8.46 -21.41 12.80
CA GLN B 51 -7.67 -22.08 13.84
C GLN B 51 -6.77 -23.17 13.30
N ASN B 52 -6.23 -23.96 14.21
CA ASN B 52 -5.48 -25.16 13.90
C ASN B 52 -5.92 -26.13 14.99
N HIS B 53 -5.25 -27.26 15.17
CA HIS B 53 -5.74 -28.27 16.11
C HIS B 53 -5.70 -27.86 17.56
N THR B 54 -4.96 -26.81 17.88
CA THR B 54 -4.88 -26.36 19.28
C THR B 54 -6.23 -25.81 19.78
N THR B 55 -7.23 -25.74 18.89
CA THR B 55 -8.56 -25.33 19.30
C THR B 55 -9.13 -26.36 20.23
N TRP B 56 -8.58 -27.58 20.17
CA TRP B 56 -9.02 -28.64 21.05
C TRP B 56 -8.26 -28.72 22.38
N ARG B 57 -7.35 -27.77 22.63
CA ARG B 57 -6.54 -27.80 23.85
C ARG B 57 -7.29 -27.95 25.18
N LYS B 58 -8.47 -27.37 25.30
CA LYS B 58 -9.21 -27.48 26.58
C LYS B 58 -10.01 -28.78 26.75
N VAL B 59 -10.22 -29.52 25.67
CA VAL B 59 -11.07 -30.71 25.81
C VAL B 59 -10.38 -32.02 25.54
N ALA B 60 -9.33 -31.99 24.73
CA ALA B 60 -8.63 -33.20 24.35
C ALA B 60 -8.08 -34.02 25.51
N PRO B 61 -7.40 -33.37 26.50
CA PRO B 61 -6.86 -34.18 27.63
C PRO B 61 -7.90 -34.99 28.35
N THR B 62 -9.10 -34.44 28.51
CA THR B 62 -10.17 -35.17 29.18
C THR B 62 -10.67 -36.35 28.35
N LEU B 63 -10.96 -36.07 27.09
CA LEU B 63 -11.44 -37.10 26.18
C LEU B 63 -10.36 -38.15 25.94
N ALA B 64 -9.10 -37.80 26.23
CA ALA B 64 -8.02 -38.75 26.05
C ALA B 64 -8.11 -39.84 27.09
N GLN B 65 -8.82 -39.59 28.19
CA GLN B 65 -8.94 -40.63 29.25
C GLN B 65 -9.71 -41.89 28.73
N ASN B 66 -10.62 -41.68 27.77
CA ASN B 66 -11.43 -42.76 27.19
C ASN B 66 -11.11 -43.07 25.73
N HIS B 67 -10.32 -42.24 25.08
CA HIS B 67 -10.04 -42.46 23.66
C HIS B 67 -8.63 -42.11 23.24
N THR B 68 -8.26 -42.66 22.08
CA THR B 68 -7.05 -42.27 21.40
C THR B 68 -7.59 -41.07 20.65
N VAL B 69 -7.17 -39.87 21.04
CA VAL B 69 -7.65 -38.63 20.40
C VAL B 69 -6.67 -38.19 19.29
N ILE B 70 -7.19 -37.99 18.09
CA ILE B 70 -6.34 -37.64 16.96
C ILE B 70 -6.79 -36.25 16.47
N LEU B 71 -5.86 -35.27 16.53
CA LEU B 71 -6.13 -33.85 16.22
C LEU B 71 -5.33 -33.37 15.00
N PRO B 72 -5.91 -33.51 13.80
CA PRO B 72 -5.13 -33.09 12.64
C PRO B 72 -5.24 -31.62 12.32
N ASP B 73 -4.28 -31.13 11.53
CA ASP B 73 -4.31 -29.83 10.94
C ASP B 73 -4.74 -30.06 9.48
N LEU B 74 -5.84 -29.42 9.10
CA LEU B 74 -6.35 -29.47 7.72
C LEU B 74 -5.27 -29.09 6.71
N ARG B 75 -5.33 -29.64 5.51
CA ARG B 75 -4.41 -29.21 4.49
C ARG B 75 -4.63 -27.74 4.32
N GLY B 76 -3.53 -27.00 4.14
CA GLY B 76 -3.60 -25.56 3.98
C GLY B 76 -3.58 -24.80 5.31
N TYR B 77 -3.68 -25.52 6.44
CA TYR B 77 -3.79 -24.91 7.78
C TYR B 77 -2.69 -25.35 8.73
N GLY B 78 -2.53 -24.60 9.80
CA GLY B 78 -1.62 -24.99 10.85
C GLY B 78 -0.26 -25.26 10.30
N ASP B 79 0.25 -26.44 10.62
CA ASP B 79 1.56 -26.86 10.16
C ASP B 79 1.51 -27.99 9.13
N SER B 80 0.34 -28.31 8.58
CA SER B 80 0.25 -29.34 7.52
C SER B 80 0.73 -28.77 6.19
N ASP B 81 0.99 -29.62 5.20
CA ASP B 81 1.38 -29.10 3.86
C ASP B 81 0.31 -28.13 3.37
N LYS B 82 0.73 -27.24 2.49
CA LYS B 82 -0.14 -26.23 1.91
C LYS B 82 0.09 -26.21 0.40
N PRO B 83 -0.39 -27.23 -0.30
CA PRO B 83 -0.16 -27.37 -1.73
C PRO B 83 -0.80 -26.27 -2.58
N THR B 84 -0.11 -25.87 -3.64
CA THR B 84 -0.64 -24.92 -4.57
C THR B 84 -1.94 -25.53 -5.12
N SER B 85 -2.90 -24.68 -5.48
CA SER B 85 -4.21 -25.16 -5.88
C SER B 85 -4.39 -25.22 -7.40
N ASP B 86 -5.62 -25.40 -7.84
CA ASP B 86 -5.90 -25.56 -9.25
C ASP B 86 -7.04 -24.66 -9.58
N PRO B 87 -7.29 -24.46 -10.86
CA PRO B 87 -8.38 -23.50 -11.16
C PRO B 87 -9.78 -23.89 -10.66
N ALA B 88 -10.12 -25.18 -10.67
CA ALA B 88 -11.44 -25.56 -10.18
C ALA B 88 -11.52 -25.68 -8.62
N HIS B 89 -10.42 -25.41 -7.93
CA HIS B 89 -10.37 -25.44 -6.44
C HIS B 89 -10.49 -26.83 -5.85
N ARG B 90 -10.30 -27.85 -6.68
CA ARG B 90 -10.38 -29.22 -6.24
C ARG B 90 -9.42 -29.52 -5.10
N THR B 91 -8.24 -28.94 -5.14
CA THR B 91 -7.23 -29.19 -4.11
C THR B 91 -7.72 -28.90 -2.67
N TYR B 92 -8.68 -28.00 -2.54
CA TYR B 92 -9.22 -27.67 -1.22
C TYR B 92 -10.73 -27.96 -1.10
N SER B 93 -11.23 -28.86 -1.94
CA SER B 93 -12.61 -29.27 -1.89
C SER B 93 -12.75 -30.14 -0.64
N LYS B 94 -13.98 -30.29 -0.16
CA LYS B 94 -14.19 -31.10 1.04
C LYS B 94 -13.96 -32.59 0.72
N ARG B 95 -14.17 -32.97 -0.55
CA ARG B 95 -13.88 -34.35 -0.95
C ARG B 95 -12.39 -34.65 -0.76
N THR B 96 -11.51 -33.76 -1.23
CA THR B 96 -10.07 -33.95 -1.10
C THR B 96 -9.60 -33.88 0.35
N MSE B 97 -10.19 -32.99 1.13
CA MSE B 97 -9.85 -32.84 2.55
C MSE B 97 -10.26 -34.07 3.32
O MSE B 97 -9.52 -34.56 4.15
CB MSE B 97 -10.53 -31.61 3.14
CG MSE B 97 -9.76 -30.35 2.75
SE MSE B 97 -10.60 -28.72 3.51
CE MSE B 97 -9.60 -27.39 2.49
N ALA B 98 -11.44 -34.59 3.01
CA ALA B 98 -11.97 -35.80 3.65
C ALA B 98 -11.10 -37.03 3.35
N GLN B 99 -10.59 -37.10 2.12
CA GLN B 99 -9.72 -38.18 1.72
C GLN B 99 -8.42 -38.10 2.56
N ASP B 100 -7.95 -36.89 2.89
CA ASP B 100 -6.78 -36.72 3.75
C ASP B 100 -7.01 -37.41 5.08
N ILE B 101 -8.21 -37.25 5.63
CA ILE B 101 -8.55 -37.82 6.91
C ILE B 101 -8.52 -39.35 6.92
N VAL B 102 -9.15 -40.02 5.95
CA VAL B 102 -9.10 -41.48 5.97
C VAL B 102 -7.71 -42.00 5.67
N MSE B 103 -6.95 -41.28 4.84
CA MSE B 103 -5.56 -41.67 4.53
C MSE B 103 -4.69 -41.54 5.77
O MSE B 103 -3.77 -42.35 5.98
CB MSE B 103 -4.98 -40.85 3.40
CG MSE B 103 -5.28 -41.47 2.03
SE MSE B 103 -4.69 -40.24 0.58
CE MSE B 103 -4.95 -41.42 -0.96
N LEU B 104 -4.95 -40.52 6.59
CA LEU B 104 -4.23 -40.33 7.87
C LEU B 104 -4.57 -41.48 8.81
N MSE B 105 -5.83 -41.88 8.81
CA MSE B 105 -6.29 -42.94 9.69
C MSE B 105 -5.69 -44.28 9.24
O MSE B 105 -5.32 -45.09 10.06
CB MSE B 105 -7.81 -42.99 9.77
CG MSE B 105 -8.42 -41.78 10.46
SE MSE B 105 -7.67 -41.39 12.24
CE MSE B 105 -9.03 -42.35 13.28
N ASP B 106 -5.59 -44.49 7.93
CA ASP B 106 -4.96 -45.70 7.40
C ASP B 106 -3.51 -45.74 7.85
N ALA B 107 -2.78 -44.65 7.63
CA ALA B 107 -1.36 -44.54 7.98
C ALA B 107 -1.05 -44.79 9.45
N LEU B 108 -1.99 -44.47 10.33
CA LEU B 108 -1.82 -44.66 11.77
C LEU B 108 -2.35 -46.00 12.19
N GLY B 109 -2.84 -46.76 11.21
CA GLY B 109 -3.34 -48.08 11.48
C GLY B 109 -4.68 -48.20 12.16
N PHE B 110 -5.57 -47.22 11.96
CA PHE B 110 -6.94 -47.29 12.50
C PHE B 110 -7.92 -47.67 11.40
N SER B 111 -8.95 -48.45 11.73
CA SER B 111 -9.95 -48.83 10.75
C SER B 111 -11.15 -47.89 10.87
N ARG B 112 -12.08 -48.17 11.78
CA ARG B 112 -13.27 -47.33 11.97
C ARG B 112 -13.04 -46.32 13.09
N PHE B 113 -13.65 -45.14 12.99
CA PHE B 113 -13.47 -44.10 14.01
C PHE B 113 -14.62 -43.15 14.17
N ALA B 114 -14.67 -42.51 15.34
CA ALA B 114 -15.66 -41.50 15.65
C ALA B 114 -15.08 -40.19 15.16
N PHE B 115 -15.94 -39.27 14.72
CA PHE B 115 -15.50 -37.99 14.17
C PHE B 115 -16.24 -36.78 14.73
N VAL B 116 -15.48 -35.72 14.99
CA VAL B 116 -16.01 -34.44 15.46
C VAL B 116 -15.33 -33.39 14.57
N GLY B 117 -16.14 -32.54 13.94
CA GLY B 117 -15.62 -31.48 13.08
C GLY B 117 -16.24 -30.13 13.42
N HIS B 118 -15.40 -29.09 13.52
CA HIS B 118 -15.88 -27.71 13.79
C HIS B 118 -15.68 -26.82 12.59
N ASP B 119 -16.71 -26.04 12.24
CA ASP B 119 -16.56 -25.04 11.18
C ASP B 119 -16.13 -25.77 9.87
N ARG B 120 -15.02 -25.40 9.22
CA ARG B 120 -14.62 -26.11 7.98
C ARG B 120 -14.50 -27.61 8.22
N GLY B 121 -14.01 -28.00 9.38
CA GLY B 121 -13.84 -29.40 9.74
C GLY B 121 -15.15 -30.18 9.73
N GLY B 122 -16.24 -29.51 10.08
CA GLY B 122 -17.54 -30.11 10.05
C GLY B 122 -18.00 -30.32 8.62
N ARG B 123 -17.60 -29.42 7.73
CA ARG B 123 -17.94 -29.54 6.31
C ARG B 123 -17.15 -30.70 5.73
N VAL B 124 -15.90 -30.83 6.16
CA VAL B 124 -15.09 -31.98 5.77
C VAL B 124 -15.79 -33.24 6.27
N GLY B 125 -16.26 -33.17 7.52
CA GLY B 125 -17.00 -34.27 8.14
C GLY B 125 -18.20 -34.77 7.35
N HIS B 126 -19.03 -33.86 6.88
CA HIS B 126 -20.21 -34.18 6.11
C HIS B 126 -19.88 -34.97 4.85
N ARG B 127 -18.91 -34.48 4.10
CA ARG B 127 -18.51 -35.15 2.88
C ARG B 127 -17.83 -36.50 3.21
N LEU B 128 -16.98 -36.50 4.24
CA LEU B 128 -16.30 -37.72 4.74
C LEU B 128 -17.32 -38.79 4.96
N ALA B 129 -18.37 -38.46 5.69
CA ALA B 129 -19.39 -39.44 6.04
C ALA B 129 -20.16 -40.00 4.83
N LEU B 130 -20.29 -39.22 3.76
CA LEU B 130 -20.97 -39.69 2.55
C LEU B 130 -20.05 -40.53 1.65
N ASP B 131 -18.79 -40.13 1.53
CA ASP B 131 -17.83 -40.87 0.73
C ASP B 131 -17.31 -42.14 1.38
N TYR B 132 -17.34 -42.20 2.72
CA TYR B 132 -16.83 -43.39 3.45
C TYR B 132 -17.79 -43.77 4.60
N PRO B 133 -19.00 -44.22 4.27
CA PRO B 133 -20.01 -44.48 5.29
C PRO B 133 -19.70 -45.62 6.28
N ASP B 134 -18.87 -46.58 5.88
CA ASP B 134 -18.54 -47.68 6.76
C ASP B 134 -17.54 -47.30 7.84
N ARG B 135 -16.55 -46.50 7.50
CA ARG B 135 -15.51 -46.14 8.47
C ARG B 135 -15.88 -45.20 9.60
N VAL B 136 -16.85 -44.33 9.38
CA VAL B 136 -17.26 -43.37 10.39
C VAL B 136 -18.34 -43.99 11.27
N THR B 137 -18.10 -44.07 12.57
CA THR B 137 -19.06 -44.70 13.48
C THR B 137 -20.12 -43.70 13.92
N CYS B 138 -19.75 -42.45 13.96
CA CYS B 138 -20.70 -41.42 14.29
C CYS B 138 -20.06 -40.07 14.03
N CYS B 139 -20.90 -39.03 13.92
CA CYS B 139 -20.43 -37.68 13.63
C CYS B 139 -21.05 -36.63 14.53
N THR B 140 -20.24 -35.63 14.90
CA THR B 140 -20.70 -34.47 15.66
C THR B 140 -20.22 -33.26 14.86
N PHE B 141 -21.14 -32.46 14.31
CA PHE B 141 -20.77 -31.27 13.57
C PHE B 141 -21.09 -30.06 14.44
N ILE B 142 -20.06 -29.25 14.69
CA ILE B 142 -20.18 -28.11 15.57
C ILE B 142 -20.38 -26.74 14.88
N ASP B 143 -21.50 -26.11 15.21
CA ASP B 143 -21.88 -24.77 14.79
C ASP B 143 -22.01 -24.50 13.27
N ILE B 144 -22.50 -25.50 12.54
CA ILE B 144 -22.69 -25.36 11.09
C ILE B 144 -23.99 -25.94 10.58
N ALA B 145 -24.39 -25.43 9.43
CA ALA B 145 -25.53 -25.91 8.72
C ALA B 145 -24.86 -26.33 7.43
N PRO B 146 -25.48 -27.22 6.65
CA PRO B 146 -24.83 -27.68 5.42
C PRO B 146 -24.54 -26.55 4.46
N THR B 147 -23.39 -26.63 3.80
CA THR B 147 -22.92 -25.63 2.85
C THR B 147 -23.97 -25.36 1.75
N ALA B 148 -24.54 -26.40 1.17
CA ALA B 148 -25.53 -26.21 0.08
C ALA B 148 -26.78 -25.48 0.56
N THR B 149 -27.17 -25.76 1.81
CA THR B 149 -28.33 -25.14 2.40
C THR B 149 -28.07 -23.65 2.60
N MSE B 150 -26.94 -23.34 3.21
CA MSE B 150 -26.53 -21.95 3.45
C MSE B 150 -26.57 -21.13 2.16
O MSE B 150 -27.22 -20.10 2.12
CB MSE B 150 -25.08 -21.92 3.95
CG MSE B 150 -24.84 -22.54 5.34
SE MSE B 150 -25.56 -21.35 6.72
CE MSE B 150 -23.87 -20.40 7.04
N TYR B 151 -25.89 -21.59 1.10
CA TYR B 151 -25.93 -20.80 -0.18
C TYR B 151 -27.28 -20.78 -0.87
N ALA B 152 -28.03 -21.87 -0.80
CA ALA B 152 -29.35 -21.89 -1.41
C ALA B 152 -30.30 -20.90 -0.70
N LEU B 153 -30.12 -20.71 0.62
CA LEU B 153 -30.95 -19.76 1.35
C LEU B 153 -30.40 -18.32 1.37
N THR B 154 -29.43 -17.99 0.50
CA THR B 154 -28.87 -16.65 0.43
C THR B 154 -29.97 -15.59 0.26
N ASP B 155 -29.97 -14.61 1.13
CA ASP B 155 -30.88 -13.46 1.08
C ASP B 155 -30.15 -12.26 1.71
N LYS B 156 -30.84 -11.13 1.82
CA LYS B 156 -30.20 -9.94 2.35
C LYS B 156 -29.52 -10.20 3.68
N SER B 157 -30.26 -10.76 4.61
CA SER B 157 -29.76 -11.06 5.95
C SER B 157 -28.56 -12.07 5.95
N PHE B 158 -28.68 -13.16 5.20
CA PHE B 158 -27.57 -14.12 5.14
C PHE B 158 -26.29 -13.46 4.59
N ALA B 159 -26.43 -12.71 3.50
CA ALA B 159 -25.25 -12.09 2.89
C ALA B 159 -24.63 -11.01 3.77
N THR B 160 -25.43 -10.42 4.66
CA THR B 160 -24.93 -9.41 5.58
C THR B 160 -24.22 -10.13 6.76
N ARG B 161 -24.90 -11.06 7.43
CA ARG B 161 -24.30 -11.82 8.57
C ARG B 161 -23.09 -12.69 8.18
N TYR B 162 -23.09 -13.21 6.96
CA TYR B 162 -21.99 -14.06 6.49
C TYR B 162 -21.31 -13.42 5.28
N PHE B 163 -20.97 -12.14 5.36
CA PHE B 163 -20.36 -11.46 4.20
C PHE B 163 -19.04 -12.04 3.70
N TRP B 164 -18.29 -12.75 4.56
CA TRP B 164 -17.05 -13.39 4.15
C TRP B 164 -17.31 -14.47 3.09
N TRP B 165 -18.49 -15.09 3.18
CA TRP B 165 -18.89 -16.13 2.26
C TRP B 165 -19.02 -15.64 0.82
N PHE B 166 -19.00 -14.33 0.65
CA PHE B 166 -19.06 -13.73 -0.66
C PHE B 166 -17.82 -12.92 -0.93
N PHE B 167 -17.04 -12.69 0.11
CA PHE B 167 -15.83 -11.92 -0.06
C PHE B 167 -14.63 -12.80 -0.37
N LEU B 168 -14.47 -13.86 0.42
CA LEU B 168 -13.34 -14.77 0.26
C LEU B 168 -13.43 -15.60 -1.00
N ILE B 169 -14.60 -15.56 -1.66
CA ILE B 169 -14.76 -16.32 -2.89
C ILE B 169 -14.47 -15.47 -4.13
N GLN B 170 -14.17 -14.18 -3.95
CA GLN B 170 -13.86 -13.31 -5.10
C GLN B 170 -12.59 -13.85 -5.75
N PRO B 171 -12.43 -13.63 -7.08
CA PRO B 171 -11.27 -14.15 -7.76
C PRO B 171 -9.93 -13.71 -7.16
N PHE B 172 -8.94 -14.60 -7.22
CA PHE B 172 -7.57 -14.32 -6.80
C PHE B 172 -7.12 -13.08 -7.54
N PRO B 173 -6.33 -12.20 -6.89
CA PRO B 173 -5.78 -12.27 -5.55
C PRO B 173 -6.43 -11.31 -4.58
N LEU B 174 -7.68 -10.98 -4.84
CA LEU B 174 -8.35 -9.95 -4.06
C LEU B 174 -8.39 -10.22 -2.56
N PRO B 175 -9.08 -11.27 -2.14
CA PRO B 175 -9.10 -11.47 -0.70
C PRO B 175 -7.71 -11.72 -0.12
N GLU B 176 -6.87 -12.44 -0.86
CA GLU B 176 -5.53 -12.71 -0.38
C GLU B 176 -4.76 -11.41 -0.13
N THR B 177 -4.93 -10.45 -1.02
CA THR B 177 -4.22 -9.21 -0.89
C THR B 177 -4.77 -8.38 0.27
N MSE B 178 -6.08 -8.38 0.46
CA MSE B 178 -6.69 -7.60 1.57
C MSE B 178 -6.32 -8.16 2.91
O MSE B 178 -6.05 -7.43 3.83
CB MSE B 178 -8.22 -7.58 1.59
CG MSE B 178 -8.83 -7.67 0.21
SE MSE B 178 -9.94 -6.08 -0.18
CE MSE B 178 -8.38 -4.90 -0.14
N ILE B 179 -6.32 -9.48 3.04
CA ILE B 179 -5.94 -10.10 4.32
C ILE B 179 -4.48 -9.82 4.62
N ALA B 180 -3.63 -9.91 3.60
CA ALA B 180 -2.19 -9.70 3.78
C ALA B 180 -1.86 -8.30 4.30
N HIS B 181 -2.79 -7.35 4.18
CA HIS B 181 -2.52 -6.01 4.66
C HIS B 181 -2.34 -5.97 6.15
N ASP B 182 -3.13 -6.76 6.88
CA ASP B 182 -3.05 -6.79 8.34
C ASP B 182 -3.65 -8.10 8.80
N PRO B 183 -2.83 -9.15 8.80
CA PRO B 183 -3.40 -10.44 9.14
C PRO B 183 -3.95 -10.50 10.54
N ALA B 184 -3.29 -9.89 11.50
CA ALA B 184 -3.79 -9.99 12.90
C ALA B 184 -5.16 -9.35 13.00
N PHE B 185 -5.36 -8.28 12.23
CA PHE B 185 -6.63 -7.58 12.22
C PHE B 185 -7.73 -8.51 11.71
N PHE B 186 -7.49 -9.17 10.58
CA PHE B 186 -8.50 -10.11 10.07
C PHE B 186 -8.72 -11.27 11.03
N LEU B 187 -7.64 -11.81 11.60
CA LEU B 187 -7.78 -12.94 12.53
C LEU B 187 -8.63 -12.55 13.73
N ARG B 188 -8.33 -11.39 14.28
CA ARG B 188 -9.05 -10.88 15.43
C ARG B 188 -10.53 -10.74 15.09
N LYS B 189 -10.86 -10.22 13.91
CA LYS B 189 -12.26 -10.12 13.50
C LYS B 189 -12.94 -11.48 13.59
N HIS B 190 -12.36 -12.47 12.93
CA HIS B 190 -12.92 -13.83 12.96
C HIS B 190 -13.04 -14.37 14.39
N ILE B 191 -11.98 -14.29 15.18
CA ILE B 191 -12.03 -14.81 16.55
C ILE B 191 -12.91 -14.03 17.56
N SER B 192 -12.87 -12.70 17.52
CA SER B 192 -13.62 -11.87 18.51
C SER B 192 -15.15 -11.77 18.28
N GLY B 193 -15.57 -11.84 17.03
CA GLY B 193 -16.99 -11.83 16.71
C GLY B 193 -17.59 -13.19 17.03
N GLN B 194 -16.84 -14.25 16.69
CA GLN B 194 -17.23 -15.64 16.94
C GLN B 194 -17.30 -15.95 18.44
N LEU B 195 -16.47 -15.27 19.22
CA LEU B 195 -16.33 -15.50 20.65
C LEU B 195 -17.15 -14.49 21.49
N LYS B 196 -16.75 -13.22 21.41
CA LYS B 196 -17.38 -12.10 22.15
C LYS B 196 -17.75 -12.39 23.63
N ILE B 197 -17.03 -13.31 24.29
CA ILE B 197 -17.29 -13.64 25.73
C ILE B 197 -15.99 -13.96 26.51
N GLU B 198 -15.74 -13.16 27.54
CA GLU B 198 -14.50 -13.24 28.39
C GLU B 198 -13.38 -14.23 28.06
N GLY B 199 -12.45 -13.72 27.24
CA GLY B 199 -11.22 -14.39 26.86
C GLY B 199 -11.14 -15.90 26.72
N ALA B 200 -12.06 -16.49 25.96
CA ALA B 200 -11.99 -17.91 25.68
C ALA B 200 -10.71 -18.18 24.86
N THR B 201 -10.08 -17.11 24.34
CA THR B 201 -8.81 -17.21 23.62
C THR B 201 -7.76 -16.32 24.28
N SER B 202 -6.83 -16.96 24.98
CA SER B 202 -5.71 -16.31 25.62
C SER B 202 -4.75 -15.71 24.58
N GLN B 203 -3.96 -14.74 24.99
CA GLN B 203 -2.98 -14.10 24.13
C GLN B 203 -2.12 -15.21 23.51
N GLU B 204 -1.65 -16.12 24.38
CA GLU B 204 -0.85 -17.26 23.91
C GLU B 204 -1.55 -18.08 22.80
N ALA B 205 -2.83 -18.42 22.99
CA ALA B 205 -3.55 -19.19 21.96
C ALA B 205 -3.74 -18.37 20.68
N PHE B 206 -4.00 -17.08 20.85
CA PHE B 206 -4.17 -16.16 19.73
C PHE B 206 -2.85 -16.06 18.93
N ASN B 207 -1.73 -15.88 19.63
CA ASN B 207 -0.46 -15.76 18.94
C ASN B 207 -0.10 -17.02 18.16
N GLU B 208 -0.51 -18.17 18.71
CA GLU B 208 -0.27 -19.44 18.04
C GLU B 208 -1.09 -19.52 16.76
N TYR B 209 -2.34 -19.08 16.82
CA TYR B 209 -3.17 -19.08 15.59
C TYR B 209 -2.61 -18.05 14.60
N LEU B 210 -2.09 -16.96 15.12
CA LEU B 210 -1.53 -15.89 14.29
C LEU B 210 -0.26 -16.32 13.58
N ARG B 211 0.51 -17.12 14.28
CA ARG B 211 1.77 -17.63 13.77
C ARG B 211 1.55 -18.37 12.49
N CYS B 212 0.46 -19.12 12.42
CA CYS B 212 0.14 -19.86 11.19
C CYS B 212 -0.56 -18.99 10.18
N TYR B 213 -1.46 -18.14 10.66
CA TYR B 213 -2.26 -17.27 9.78
C TYR B 213 -1.41 -16.27 9.01
N GLN B 214 -0.25 -15.90 9.53
CA GLN B 214 0.63 -14.95 8.85
C GLN B 214 1.30 -15.53 7.60
N ASN B 215 1.18 -16.85 7.41
CA ASN B 215 1.77 -17.51 6.24
C ASN B 215 0.84 -17.32 5.04
N PRO B 216 1.33 -16.69 3.97
CA PRO B 216 0.47 -16.41 2.83
C PRO B 216 -0.08 -17.66 2.16
N GLU B 217 0.61 -18.78 2.30
CA GLU B 217 0.12 -20.03 1.71
C GLU B 217 -1.17 -20.50 2.41
N MSE B 218 -1.30 -20.18 3.70
CA MSE B 218 -2.48 -20.54 4.50
C MSE B 218 -3.59 -19.61 4.05
O MSE B 218 -4.72 -20.03 3.79
CB MSE B 218 -2.23 -20.40 6.03
CG MSE B 218 -3.53 -20.63 6.75
SE MSE B 218 -3.34 -20.81 8.68
CE MSE B 218 -5.21 -20.96 9.20
N ILE B 219 -3.27 -18.34 3.94
CA ILE B 219 -4.28 -17.35 3.47
C ILE B 219 -4.85 -17.72 2.11
N HIS B 220 -3.98 -18.19 1.21
CA HIS B 220 -4.42 -18.58 -0.11
C HIS B 220 -5.25 -19.83 0.04
N ALA B 221 -4.79 -20.77 0.86
CA ALA B 221 -5.55 -21.99 1.08
C ALA B 221 -6.98 -21.72 1.60
N ILE B 222 -7.07 -20.88 2.62
CA ILE B 222 -8.36 -20.47 3.17
C ILE B 222 -9.27 -19.95 2.04
N CYS B 223 -8.72 -19.10 1.19
CA CYS B 223 -9.52 -18.56 0.09
C CYS B 223 -9.93 -19.66 -0.88
N GLU B 224 -9.08 -20.69 -1.05
CA GLU B 224 -9.43 -21.79 -1.99
C GLU B 224 -10.52 -22.68 -1.39
N ASP B 225 -10.42 -22.90 -0.10
CA ASP B 225 -11.40 -23.64 0.64
C ASP B 225 -12.76 -22.97 0.39
N TYR B 226 -12.86 -21.69 0.74
CA TYR B 226 -14.11 -20.96 0.52
C TYR B 226 -14.53 -20.94 -0.96
N ARG B 227 -13.58 -20.71 -1.87
CA ARG B 227 -13.93 -20.76 -3.32
C ARG B 227 -14.54 -22.11 -3.67
N ALA B 228 -13.93 -23.19 -3.16
CA ALA B 228 -14.43 -24.53 -3.44
C ALA B 228 -15.85 -24.74 -2.88
N ALA B 229 -16.13 -24.17 -1.71
CA ALA B 229 -17.42 -24.33 -1.09
C ALA B 229 -18.51 -23.64 -1.88
N ALA B 230 -18.11 -22.71 -2.75
CA ALA B 230 -19.06 -21.98 -3.58
C ALA B 230 -19.08 -22.55 -4.99
N THR B 231 -18.28 -23.56 -5.26
CA THR B 231 -18.23 -24.14 -6.63
C THR B 231 -18.17 -25.66 -6.65
N ILE B 232 -16.97 -26.20 -6.64
CA ILE B 232 -16.77 -27.65 -6.73
C ILE B 232 -17.50 -28.42 -5.61
N ASP B 233 -17.43 -27.93 -4.38
CA ASP B 233 -18.16 -28.58 -3.28
C ASP B 233 -19.65 -28.73 -3.58
N LEU B 234 -20.26 -27.70 -4.18
CA LEU B 234 -21.69 -27.74 -4.50
C LEU B 234 -22.00 -28.69 -5.66
N ASP B 235 -21.09 -28.78 -6.62
CA ASP B 235 -21.24 -29.75 -7.70
C ASP B 235 -21.26 -31.14 -7.09
N ASP B 236 -20.25 -31.44 -6.26
CA ASP B 236 -20.19 -32.76 -5.56
C ASP B 236 -21.48 -32.98 -4.72
N ASP B 237 -21.84 -31.97 -3.93
CA ASP B 237 -23.04 -32.06 -3.07
C ASP B 237 -24.36 -32.22 -3.85
N ALA B 238 -24.42 -31.72 -5.08
CA ALA B 238 -25.63 -31.91 -5.88
C ALA B 238 -25.57 -33.29 -6.56
N ALA B 239 -24.38 -33.73 -6.93
CA ALA B 239 -24.21 -35.04 -7.57
C ALA B 239 -24.73 -36.21 -6.71
N ASP B 240 -24.66 -36.10 -5.38
CA ASP B 240 -25.21 -37.18 -4.55
C ASP B 240 -26.20 -36.70 -3.48
N THR B 241 -27.03 -35.73 -3.84
CA THR B 241 -28.02 -35.16 -2.92
C THR B 241 -29.06 -36.16 -2.39
N SER B 242 -29.31 -37.21 -3.16
CA SER B 242 -30.25 -38.27 -2.77
C SER B 242 -29.64 -39.19 -1.69
N ALA B 243 -28.33 -39.07 -1.46
CA ALA B 243 -27.65 -39.84 -0.43
C ALA B 243 -27.82 -39.17 0.90
N ARG B 244 -27.56 -39.93 1.96
CA ARG B 244 -27.72 -39.43 3.31
C ARG B 244 -26.64 -40.03 4.21
N ILE B 245 -26.25 -39.27 5.23
CA ILE B 245 -25.31 -39.74 6.24
C ILE B 245 -25.97 -40.92 6.96
N ARG B 246 -25.28 -42.04 7.01
CA ARG B 246 -25.86 -43.25 7.58
C ARG B 246 -25.60 -43.39 9.09
N CYS B 247 -24.41 -43.04 9.56
CA CYS B 247 -24.08 -43.14 10.99
C CYS B 247 -24.81 -42.07 11.78
N PRO B 248 -24.93 -42.25 13.10
CA PRO B 248 -25.59 -41.23 13.89
C PRO B 248 -24.91 -39.83 13.79
N LEU B 249 -25.73 -38.78 13.79
CA LEU B 249 -25.25 -37.40 13.67
C LEU B 249 -25.72 -36.55 14.84
N GLN B 250 -24.78 -35.87 15.49
CA GLN B 250 -25.06 -34.98 16.59
C GLN B 250 -24.71 -33.56 16.15
N LEU B 251 -25.56 -32.60 16.47
CA LEU B 251 -25.27 -31.21 16.18
C LEU B 251 -25.14 -30.43 17.50
N LEU B 252 -23.97 -29.82 17.73
CA LEU B 252 -23.75 -28.98 18.89
C LEU B 252 -23.44 -27.58 18.35
N TRP B 253 -24.23 -26.60 18.74
CA TRP B 253 -24.05 -25.24 18.23
C TRP B 253 -24.27 -24.20 19.32
N GLY B 254 -23.75 -23.01 19.11
CA GLY B 254 -23.85 -21.95 20.10
C GLY B 254 -25.17 -21.27 20.00
N GLY B 255 -25.92 -21.22 21.09
CA GLY B 255 -27.19 -20.53 21.10
C GLY B 255 -27.03 -19.05 20.78
N LEU B 256 -25.83 -18.52 21.04
CA LEU B 256 -25.58 -17.11 20.77
C LEU B 256 -24.60 -16.88 19.64
N GLY B 257 -24.46 -17.88 18.81
CA GLY B 257 -23.61 -17.77 17.64
C GLY B 257 -24.52 -17.36 16.51
N THR B 258 -23.93 -17.03 15.38
CA THR B 258 -24.70 -16.59 14.24
C THR B 258 -25.72 -17.60 13.71
N VAL B 259 -25.29 -18.84 13.44
CA VAL B 259 -26.18 -19.82 12.82
C VAL B 259 -27.34 -20.28 13.72
N GLY B 260 -27.13 -20.30 15.03
CA GLY B 260 -28.18 -20.71 15.94
C GLY B 260 -29.29 -19.70 16.03
N GLN B 261 -28.95 -18.42 15.93
CA GLN B 261 -29.95 -17.37 15.99
C GLN B 261 -30.64 -17.13 14.64
N LEU B 262 -30.14 -17.77 13.58
CA LEU B 262 -30.69 -17.56 12.24
C LEU B 262 -31.48 -18.78 11.71
N TYR B 263 -31.00 -19.99 11.97
CA TYR B 263 -31.68 -21.19 11.47
C TYR B 263 -31.94 -22.22 12.56
N ASN B 264 -32.92 -23.08 12.31
CA ASN B 264 -33.19 -24.21 13.16
C ASN B 264 -32.10 -25.19 12.75
N VAL B 265 -31.01 -25.19 13.50
CA VAL B 265 -29.84 -25.96 13.10
C VAL B 265 -30.12 -27.42 12.83
N VAL B 266 -30.85 -28.05 13.74
CA VAL B 266 -31.17 -29.49 13.59
C VAL B 266 -32.04 -29.73 12.37
N GLY B 267 -32.97 -28.81 12.12
CA GLY B 267 -33.83 -28.90 10.94
C GLY B 267 -33.05 -28.90 9.63
N THR B 268 -31.94 -28.14 9.59
CA THR B 268 -31.11 -28.09 8.38
C THR B 268 -30.42 -29.41 8.11
N TRP B 269 -30.40 -30.30 9.07
CA TRP B 269 -29.71 -31.57 8.89
C TRP B 269 -30.63 -32.80 8.68
N LYS B 270 -31.95 -32.61 8.75
CA LYS B 270 -32.91 -33.73 8.50
C LYS B 270 -32.78 -34.45 7.16
N GLU B 271 -32.89 -33.69 6.05
CA GLU B 271 -32.79 -34.26 4.68
C GLU B 271 -31.39 -34.85 4.39
N LYS B 272 -30.39 -34.45 5.18
CA LYS B 272 -29.00 -34.87 4.94
C LYS B 272 -28.57 -36.13 5.65
N ALA B 273 -29.32 -36.56 6.67
CA ALA B 273 -28.94 -37.71 7.46
C ALA B 273 -30.10 -38.61 7.82
N LEU B 274 -29.78 -39.84 8.25
CA LEU B 274 -30.81 -40.78 8.73
C LEU B 274 -31.23 -40.40 10.14
N ASN B 275 -30.28 -40.40 11.07
CA ASN B 275 -30.56 -40.08 12.48
C ASN B 275 -29.85 -38.87 12.96
N VAL B 276 -30.60 -37.86 13.36
CA VAL B 276 -30.04 -36.61 13.82
C VAL B 276 -30.48 -36.22 15.22
N GLN B 277 -29.61 -35.53 15.93
CA GLN B 277 -29.95 -35.00 17.24
C GLN B 277 -29.02 -33.85 17.56
N GLY B 278 -29.35 -33.05 18.58
CA GLY B 278 -28.49 -31.91 18.95
C GLY B 278 -29.09 -30.95 19.97
N GLU B 279 -28.32 -29.92 20.29
CA GLU B 279 -28.71 -28.92 21.27
C GLU B 279 -27.88 -27.66 21.12
N ALA B 280 -28.39 -26.56 21.64
CA ALA B 280 -27.64 -25.33 21.65
C ALA B 280 -26.81 -25.34 22.92
N LEU B 281 -25.63 -24.76 22.89
CA LEU B 281 -24.77 -24.67 24.05
C LEU B 281 -24.64 -23.21 24.49
N PRO B 282 -24.23 -22.98 25.75
CA PRO B 282 -24.10 -21.62 26.28
C PRO B 282 -22.84 -20.89 25.82
N CYS B 283 -22.81 -20.53 24.55
CA CYS B 283 -21.65 -19.89 23.99
C CYS B 283 -21.96 -19.43 22.59
N GLY B 284 -20.95 -18.88 21.92
CA GLY B 284 -21.05 -18.47 20.53
C GLY B 284 -20.58 -19.63 19.63
N HIS B 285 -19.66 -19.32 18.73
CA HIS B 285 -19.24 -20.24 17.68
C HIS B 285 -18.31 -21.42 18.03
N SER B 286 -17.57 -21.31 19.14
N SER B 286 -17.55 -21.31 19.12
CA SER B 286 -16.57 -22.31 19.54
CA SER B 286 -16.58 -22.33 19.49
C SER B 286 -16.77 -22.84 20.95
C SER B 286 -16.77 -22.83 20.92
N PRO B 287 -17.69 -23.77 21.12
CA PRO B 287 -17.94 -24.31 22.45
C PRO B 287 -16.72 -25.05 23.06
N GLN B 288 -15.94 -25.73 22.24
CA GLN B 288 -14.77 -26.41 22.76
C GLN B 288 -13.82 -25.44 23.43
N GLU B 289 -13.90 -24.17 23.03
CA GLU B 289 -13.06 -23.13 23.63
C GLU B 289 -13.77 -22.31 24.70
N GLU B 290 -15.03 -21.95 24.43
CA GLU B 290 -15.83 -21.09 25.35
C GLU B 290 -16.47 -21.80 26.56
N CYS B 291 -17.07 -22.98 26.36
CA CYS B 291 -17.71 -23.76 27.44
C CYS B 291 -17.27 -25.25 27.34
N PRO B 292 -15.96 -25.49 27.44
CA PRO B 292 -15.37 -26.81 27.26
C PRO B 292 -15.96 -27.89 28.15
N GLU B 293 -16.27 -27.57 29.40
CA GLU B 293 -16.86 -28.56 30.35
C GLU B 293 -18.25 -29.04 29.92
N TYR B 294 -19.03 -28.12 29.37
CA TYR B 294 -20.37 -28.40 28.89
C TYR B 294 -20.22 -29.19 27.57
N PHE B 295 -19.24 -28.80 26.78
CA PHE B 295 -19.00 -29.44 25.51
C PHE B 295 -18.66 -30.92 25.70
N ILE B 296 -17.74 -31.18 26.61
CA ILE B 296 -17.33 -32.55 26.92
C ILE B 296 -18.54 -33.40 27.31
N GLN B 297 -19.31 -32.93 28.27
CA GLN B 297 -20.48 -33.68 28.73
C GLN B 297 -21.40 -34.04 27.59
N LYS B 298 -21.75 -33.08 26.75
CA LYS B 298 -22.65 -33.39 25.65
C LYS B 298 -22.01 -34.28 24.59
N LEU B 299 -20.71 -34.14 24.36
CA LEU B 299 -20.08 -35.02 23.40
C LEU B 299 -19.95 -36.44 23.99
N GLN B 300 -19.61 -36.53 25.29
CA GLN B 300 -19.41 -37.85 25.96
C GLN B 300 -20.64 -38.73 25.87
N SER B 301 -21.78 -38.15 26.20
CA SER B 301 -23.03 -38.86 26.17
C SER B 301 -23.42 -39.33 24.78
N PHE B 302 -23.15 -38.50 23.75
CA PHE B 302 -23.45 -38.91 22.40
C PHE B 302 -22.63 -40.13 22.05
N LEU B 303 -21.34 -40.02 22.28
CA LEU B 303 -20.39 -41.06 21.95
C LEU B 303 -20.67 -42.39 22.60
N HIS B 304 -21.06 -42.37 23.87
CA HIS B 304 -21.33 -43.62 24.58
C HIS B 304 -22.69 -44.20 24.28
N SER B 305 -23.59 -43.42 23.70
CA SER B 305 -24.90 -43.97 23.33
C SER B 305 -24.77 -44.73 22.02
N VAL B 306 -23.73 -44.42 21.24
CA VAL B 306 -23.53 -45.06 19.92
C VAL B 306 -23.05 -46.52 19.95
N LEU B 307 -23.78 -47.35 19.19
CA LEU B 307 -23.59 -48.78 18.99
C LEU B 307 -24.60 -49.50 19.89
N LEU C 7 34.93 -14.96 29.25
CA LEU C 7 33.44 -14.96 29.21
C LEU C 7 32.82 -14.47 30.50
N ILE C 8 31.72 -13.71 30.39
CA ILE C 8 30.95 -13.25 31.55
C ILE C 8 29.44 -13.48 31.28
N GLU C 9 28.86 -14.36 32.11
CA GLU C 9 27.45 -14.76 32.01
C GLU C 9 26.54 -13.57 32.25
N CYS C 10 25.53 -13.41 31.41
CA CYS C 10 24.57 -12.33 31.53
C CYS C 10 23.13 -12.84 31.73
N GLY C 11 22.97 -14.15 31.95
CA GLY C 11 21.65 -14.75 32.16
C GLY C 11 21.01 -15.36 30.94
N ALA C 12 19.87 -16.03 31.14
CA ALA C 12 19.19 -16.68 30.05
C ALA C 12 18.57 -15.64 29.11
N SER C 13 18.55 -15.95 27.82
CA SER C 13 17.93 -15.04 26.86
C SER C 13 16.44 -14.91 27.18
N PRO C 14 15.91 -13.68 27.15
CA PRO C 14 14.48 -13.54 27.41
C PRO C 14 13.58 -13.83 26.19
N PHE C 15 14.18 -14.00 25.00
CA PHE C 15 13.42 -14.24 23.76
C PHE C 15 13.72 -15.58 23.04
N ILE C 16 14.82 -16.23 23.39
CA ILE C 16 15.20 -17.47 22.69
C ILE C 16 15.37 -18.59 23.68
N PRO C 17 14.36 -19.44 23.81
CA PRO C 17 14.42 -20.53 24.78
C PRO C 17 15.70 -21.36 24.66
N GLY C 18 16.27 -21.72 25.81
CA GLY C 18 17.48 -22.57 25.89
C GLY C 18 18.82 -21.90 25.62
N PHE C 19 18.81 -20.61 25.24
CA PHE C 19 20.04 -19.89 24.94
C PHE C 19 20.50 -19.00 26.09
N ALA C 20 21.82 -18.89 26.24
CA ALA C 20 22.46 -18.12 27.28
C ALA C 20 23.14 -16.89 26.68
N LEU C 21 23.08 -15.79 27.41
CA LEU C 21 23.69 -14.54 26.98
C LEU C 21 25.05 -14.36 27.58
N LYS C 22 26.02 -13.96 26.78
CA LYS C 22 27.35 -13.75 27.28
C LYS C 22 28.03 -12.54 26.63
N ASP C 23 28.89 -11.89 27.39
CA ASP C 23 29.77 -10.84 26.91
C ASP C 23 31.13 -11.54 26.83
N VAL C 24 31.73 -11.52 25.66
CA VAL C 24 32.98 -12.19 25.42
C VAL C 24 34.01 -11.16 25.01
N ARG C 25 35.14 -11.17 25.69
CA ARG C 25 36.24 -10.24 25.45
C ARG C 25 37.25 -10.87 24.51
N LEU C 26 37.40 -10.29 23.33
CA LEU C 26 38.30 -10.81 22.29
C LEU C 26 39.71 -10.31 22.52
N GLU C 27 40.63 -10.74 21.67
CA GLU C 27 42.03 -10.32 21.80
C GLU C 27 42.24 -8.84 21.43
N ASN C 28 41.40 -8.32 20.52
CA ASN C 28 41.54 -6.92 20.09
C ASN C 28 40.96 -5.94 21.11
N GLY C 29 40.74 -6.40 22.34
CA GLY C 29 40.22 -5.54 23.41
C GLY C 29 38.71 -5.30 23.35
N LEU C 30 38.08 -5.69 22.27
CA LEU C 30 36.66 -5.48 22.16
C LEU C 30 35.84 -6.57 22.87
N THR C 31 34.65 -6.18 23.35
CA THR C 31 33.71 -7.07 24.00
C THR C 31 32.43 -7.10 23.17
N VAL C 32 31.97 -8.31 22.87
CA VAL C 32 30.75 -8.51 22.14
C VAL C 32 29.78 -9.35 22.92
N ARG C 33 28.51 -9.05 22.72
CA ARG C 33 27.41 -9.74 23.32
C ARG C 33 27.10 -10.88 22.37
N VAL C 34 26.81 -12.03 22.95
CA VAL C 34 26.55 -13.19 22.16
C VAL C 34 25.51 -14.09 22.85
N ALA C 35 24.65 -14.75 22.07
CA ALA C 35 23.73 -15.74 22.61
C ALA C 35 24.18 -17.07 22.04
N ILE C 36 24.35 -18.07 22.92
CA ILE C 36 24.81 -19.42 22.57
C ILE C 36 23.86 -20.49 23.14
N GLY C 37 23.49 -21.47 22.32
CA GLY C 37 22.66 -22.58 22.75
C GLY C 37 22.99 -23.81 21.91
N GLY C 38 22.47 -24.97 22.31
CA GLY C 38 22.65 -26.19 21.54
C GLY C 38 23.95 -26.89 21.79
N SER C 39 24.19 -27.94 21.02
CA SER C 39 25.37 -28.80 21.09
C SER C 39 25.66 -29.22 19.70
N GLY C 40 26.90 -29.62 19.47
CA GLY C 40 27.32 -30.07 18.16
C GLY C 40 28.26 -29.06 17.54
N SER C 41 28.53 -29.26 16.26
CA SER C 41 29.40 -28.40 15.47
C SER C 41 28.90 -26.94 15.48
N PRO C 42 29.84 -25.99 15.46
CA PRO C 42 29.47 -24.59 15.54
C PRO C 42 28.83 -24.04 14.25
N LEU C 43 27.71 -23.36 14.46
CA LEU C 43 26.98 -22.70 13.40
C LEU C 43 26.79 -21.27 13.87
N VAL C 44 27.43 -20.34 13.17
CA VAL C 44 27.28 -18.91 13.46
C VAL C 44 26.18 -18.30 12.62
N LEU C 45 25.32 -17.52 13.25
CA LEU C 45 24.26 -16.81 12.56
C LEU C 45 24.49 -15.35 12.92
N LEU C 46 24.78 -14.52 11.91
CA LEU C 46 25.07 -13.11 12.15
C LEU C 46 24.03 -12.15 11.50
N HIS C 47 23.32 -11.41 12.34
CA HIS C 47 22.32 -10.46 11.89
C HIS C 47 22.89 -9.31 11.09
N GLY C 48 21.98 -8.40 10.70
CA GLY C 48 22.33 -7.19 10.01
C GLY C 48 21.56 -6.01 10.58
N HIS C 49 21.41 -4.97 9.76
CA HIS C 49 20.77 -3.69 10.10
C HIS C 49 19.29 -3.62 9.80
N PRO C 50 18.49 -3.11 10.72
CA PRO C 50 18.72 -2.54 12.04
C PRO C 50 18.36 -3.52 13.17
N GLN C 51 18.55 -4.81 12.94
CA GLN C 51 18.28 -5.80 13.99
C GLN C 51 19.48 -6.05 14.93
N ASN C 52 19.29 -7.01 15.83
CA ASN C 52 20.35 -7.53 16.68
C ASN C 52 20.21 -9.05 16.59
N HIS C 53 20.94 -9.79 17.41
CA HIS C 53 20.91 -11.25 17.28
C HIS C 53 19.49 -11.84 17.48
N THR C 54 18.54 -11.06 17.98
CA THR C 54 17.19 -11.65 18.17
C THR C 54 16.43 -11.92 16.87
N THR C 55 16.91 -11.41 15.73
CA THR C 55 16.27 -11.70 14.45
C THR C 55 16.21 -13.21 14.23
N TRP C 56 17.08 -13.94 14.93
CA TRP C 56 17.15 -15.39 14.75
C TRP C 56 16.32 -16.17 15.76
N ARG C 57 15.48 -15.49 16.54
CA ARG C 57 14.68 -16.16 17.58
C ARG C 57 13.79 -17.29 17.07
N LYS C 58 13.35 -17.23 15.81
CA LYS C 58 12.41 -18.22 15.32
C LYS C 58 13.04 -19.49 14.80
N VAL C 59 14.30 -19.41 14.41
CA VAL C 59 14.94 -20.55 13.79
C VAL C 59 16.08 -21.12 14.66
N ALA C 60 16.60 -20.32 15.57
CA ALA C 60 17.74 -20.75 16.36
C ALA C 60 17.57 -22.03 17.21
N PRO C 61 16.46 -22.16 17.96
CA PRO C 61 16.28 -23.34 18.79
C PRO C 61 16.13 -24.61 17.95
N THR C 62 15.47 -24.53 16.78
CA THR C 62 15.38 -25.69 15.91
C THR C 62 16.80 -26.05 15.47
N LEU C 63 17.58 -25.08 14.98
CA LEU C 63 18.97 -25.37 14.61
C LEU C 63 19.84 -25.86 15.82
N ALA C 64 19.55 -25.39 17.02
CA ALA C 64 20.29 -25.81 18.21
C ALA C 64 20.24 -27.31 18.51
N GLN C 65 19.31 -28.03 17.90
CA GLN C 65 19.18 -29.46 18.13
C GLN C 65 20.39 -30.26 17.59
N ASN C 66 20.97 -29.80 16.49
CA ASN C 66 22.11 -30.47 15.83
C ASN C 66 23.44 -29.68 15.88
N HIS C 67 23.40 -28.44 16.38
CA HIS C 67 24.60 -27.60 16.41
C HIS C 67 24.71 -26.74 17.66
N THR C 68 25.93 -26.25 17.92
CA THR C 68 26.14 -25.25 18.95
C THR C 68 25.90 -23.98 18.15
N VAL C 69 24.80 -23.28 18.44
CA VAL C 69 24.40 -22.07 17.73
C VAL C 69 24.92 -20.83 18.46
N ILE C 70 25.72 -20.04 17.75
CA ILE C 70 26.32 -18.80 18.27
C ILE C 70 25.68 -17.57 17.55
N LEU C 71 25.11 -16.64 18.31
CA LEU C 71 24.42 -15.44 17.75
C LEU C 71 25.04 -14.15 18.28
N PRO C 72 26.07 -13.63 17.61
CA PRO C 72 26.69 -12.41 18.06
C PRO C 72 25.93 -11.16 17.63
N ASP C 73 26.17 -10.09 18.35
CA ASP C 73 25.74 -8.76 17.95
C ASP C 73 27.00 -8.16 17.31
N LEU C 74 26.90 -7.74 16.04
CA LEU C 74 28.01 -7.05 15.39
C LEU C 74 28.48 -5.92 16.25
N ARG C 75 29.75 -5.54 16.09
CA ARG C 75 30.26 -4.36 16.78
C ARG C 75 29.45 -3.18 16.28
N GLY C 76 29.16 -2.25 17.18
CA GLY C 76 28.35 -1.11 16.88
C GLY C 76 26.86 -1.36 17.04
N TYR C 77 26.47 -2.64 17.11
CA TYR C 77 25.04 -3.04 17.20
C TYR C 77 24.66 -3.73 18.51
N GLY C 78 23.37 -3.88 18.72
CA GLY C 78 22.85 -4.58 19.89
C GLY C 78 23.47 -4.17 21.22
N ASP C 79 24.05 -5.15 21.94
CA ASP C 79 24.68 -4.86 23.23
C ASP C 79 26.18 -5.04 23.19
N SER C 80 26.75 -5.21 21.99
CA SER C 80 28.21 -5.33 21.85
C SER C 80 28.84 -3.99 22.03
N ASP C 81 30.15 -3.96 22.21
CA ASP C 81 30.81 -2.67 22.27
C ASP C 81 30.55 -1.91 20.98
N LYS C 82 30.75 -0.61 21.07
CA LYS C 82 30.54 0.32 19.97
C LYS C 82 31.72 1.28 20.04
N PRO C 83 32.91 0.80 19.69
CA PRO C 83 34.07 1.65 19.82
C PRO C 83 34.06 2.90 18.94
N THR C 84 34.93 3.84 19.30
CA THR C 84 35.10 5.08 18.59
C THR C 84 35.62 4.77 17.19
N SER C 85 35.12 5.49 16.19
N SER C 85 35.13 5.54 16.22
CA SER C 85 35.55 5.21 14.84
CA SER C 85 35.46 5.37 14.82
C SER C 85 36.77 6.06 14.48
C SER C 85 36.63 6.24 14.36
N ASP C 86 37.32 5.77 13.31
CA ASP C 86 38.47 6.45 12.77
C ASP C 86 37.98 7.19 11.53
N PRO C 87 38.77 8.16 11.04
CA PRO C 87 38.28 8.91 9.88
C PRO C 87 38.12 8.11 8.58
N ALA C 88 38.88 7.01 8.40
CA ALA C 88 38.79 6.24 7.17
C ALA C 88 37.64 5.22 7.20
N HIS C 89 37.05 5.02 8.40
CA HIS C 89 35.94 4.09 8.66
C HIS C 89 36.39 2.65 8.79
N ARG C 90 37.71 2.42 8.85
CA ARG C 90 38.30 1.09 9.01
C ARG C 90 37.71 0.35 10.21
N THR C 91 37.39 1.10 11.28
CA THR C 91 36.85 0.49 12.51
C THR C 91 35.54 -0.30 12.27
N TYR C 92 34.74 0.10 11.28
CA TYR C 92 33.50 -0.61 10.99
C TYR C 92 33.52 -1.24 9.59
N SER C 93 34.72 -1.50 9.10
CA SER C 93 34.87 -2.15 7.83
C SER C 93 34.53 -3.63 8.03
N LYS C 94 34.18 -4.30 6.95
CA LYS C 94 33.85 -5.73 6.98
C LYS C 94 35.05 -6.64 7.30
N ARG C 95 36.26 -6.15 7.01
CA ARG C 95 37.47 -6.86 7.36
C ARG C 95 37.61 -6.92 8.89
N THR C 96 37.37 -5.79 9.54
CA THR C 96 37.46 -5.71 11.01
C THR C 96 36.31 -6.53 11.60
N MSE C 97 35.11 -6.33 11.10
CA MSE C 97 33.99 -7.11 11.60
C MSE C 97 34.21 -8.59 11.49
O MSE C 97 33.75 -9.35 12.32
CB MSE C 97 32.71 -6.74 10.88
CG MSE C 97 32.26 -5.39 11.39
SE MSE C 97 30.62 -4.91 10.42
CE MSE C 97 30.44 -3.02 10.96
N ALA C 98 34.88 -9.04 10.44
CA ALA C 98 35.14 -10.45 10.25
C ALA C 98 36.14 -10.96 11.30
N GLN C 99 37.15 -10.14 11.58
CA GLN C 99 38.13 -10.41 12.59
C GLN C 99 37.46 -10.64 13.96
N ASP C 100 36.43 -9.85 14.27
CA ASP C 100 35.71 -10.05 15.53
C ASP C 100 35.16 -11.47 15.59
N ILE C 101 34.59 -11.92 14.47
CA ILE C 101 33.99 -13.26 14.40
C ILE C 101 35.03 -14.35 14.63
N VAL C 102 36.10 -14.36 13.85
CA VAL C 102 37.10 -15.41 14.02
C VAL C 102 37.71 -15.38 15.44
N MSE C 103 37.79 -14.19 16.01
CA MSE C 103 38.33 -14.02 17.36
C MSE C 103 37.34 -14.55 18.36
O MSE C 103 37.73 -15.08 19.41
CB MSE C 103 38.67 -12.57 17.68
CG MSE C 103 40.10 -12.27 17.20
SE MSE C 103 40.51 -10.35 17.47
CE MSE C 103 42.18 -10.23 16.41
N LEU C 104 36.07 -14.39 18.05
CA LEU C 104 35.04 -14.89 18.94
C LEU C 104 35.13 -16.40 18.99
N MSE C 105 35.35 -17.02 17.82
CA MSE C 105 35.45 -18.49 17.72
C MSE C 105 36.67 -18.98 18.45
O MSE C 105 36.57 -19.95 19.15
CB MSE C 105 35.49 -18.99 16.27
CG MSE C 105 34.21 -18.74 15.45
SE MSE C 105 32.49 -19.33 16.27
CE MSE C 105 32.10 -17.65 17.18
N ASP C 106 37.81 -18.33 18.29
CA ASP C 106 39.05 -18.73 19.01
C ASP C 106 38.84 -18.72 20.53
N ALA C 107 38.09 -17.73 20.99
CA ALA C 107 37.81 -17.54 22.41
C ALA C 107 36.80 -18.56 22.95
N LEU C 108 35.86 -18.99 22.12
CA LEU C 108 34.92 -20.04 22.50
C LEU C 108 35.55 -21.41 22.26
N GLY C 109 36.76 -21.42 21.72
CA GLY C 109 37.50 -22.66 21.51
C GLY C 109 37.24 -23.38 20.19
N PHE C 110 36.41 -22.79 19.33
CA PHE C 110 36.10 -23.46 18.07
C PHE C 110 37.15 -23.26 16.97
N SER C 111 37.23 -24.21 16.07
CA SER C 111 38.19 -24.14 14.98
C SER C 111 37.45 -23.76 13.67
N ARG C 112 37.16 -24.74 12.82
CA ARG C 112 36.35 -24.48 11.63
C ARG C 112 34.87 -24.36 12.05
N PHE C 113 34.09 -23.56 11.34
CA PHE C 113 32.70 -23.41 11.68
C PHE C 113 31.82 -23.12 10.45
N ALA C 114 30.53 -23.41 10.55
CA ALA C 114 29.59 -23.07 9.51
C ALA C 114 29.17 -21.62 9.77
N PHE C 115 28.87 -20.86 8.72
CA PHE C 115 28.52 -19.43 8.86
C PHE C 115 27.26 -19.04 8.12
N VAL C 116 26.43 -18.18 8.72
CA VAL C 116 25.24 -17.67 8.05
C VAL C 116 25.15 -16.17 8.33
N GLY C 117 24.92 -15.38 7.29
CA GLY C 117 24.88 -13.95 7.44
C GLY C 117 23.76 -13.25 6.68
N HIS C 118 23.00 -12.48 7.41
CA HIS C 118 21.93 -11.68 6.84
C HIS C 118 22.35 -10.23 6.74
N ASP C 119 22.04 -9.60 5.61
CA ASP C 119 22.23 -8.15 5.45
C ASP C 119 23.71 -7.81 5.70
N ARG C 120 24.00 -6.90 6.61
CA ARG C 120 25.40 -6.53 6.93
C ARG C 120 26.21 -7.77 7.32
N GLY C 121 25.54 -8.74 7.97
CA GLY C 121 26.15 -10.02 8.42
C GLY C 121 26.71 -10.87 7.29
N GLY C 122 26.06 -10.82 6.14
CA GLY C 122 26.51 -11.54 4.95
C GLY C 122 27.66 -10.84 4.25
N ARG C 123 27.73 -9.50 4.38
CA ARG C 123 28.82 -8.74 3.78
C ARG C 123 30.07 -9.01 4.58
N VAL C 124 29.87 -9.25 5.90
CA VAL C 124 30.96 -9.62 6.80
C VAL C 124 31.43 -11.03 6.43
N GLY C 125 30.50 -11.94 6.20
CA GLY C 125 30.85 -13.32 5.82
C GLY C 125 31.61 -13.36 4.50
N HIS C 126 31.27 -12.45 3.58
CA HIS C 126 31.97 -12.41 2.30
C HIS C 126 33.44 -12.16 2.62
N ARG C 127 33.71 -11.09 3.36
CA ARG C 127 35.08 -10.78 3.71
C ARG C 127 35.71 -11.89 4.59
N LEU C 128 34.89 -12.54 5.41
CA LEU C 128 35.36 -13.60 6.32
C LEU C 128 35.91 -14.79 5.54
N ALA C 129 35.16 -15.25 4.55
CA ALA C 129 35.58 -16.40 3.74
C ALA C 129 36.79 -16.08 2.91
N LEU C 130 36.91 -14.81 2.49
CA LEU C 130 38.09 -14.41 1.72
C LEU C 130 39.31 -14.21 2.62
N ASP C 131 39.13 -13.67 3.83
CA ASP C 131 40.30 -13.50 4.71
C ASP C 131 40.71 -14.75 5.50
N TYR C 132 39.78 -15.67 5.75
CA TYR C 132 40.07 -16.91 6.54
C TYR C 132 39.40 -18.15 5.91
N PRO C 133 39.84 -18.51 4.69
CA PRO C 133 39.25 -19.66 3.98
C PRO C 133 39.29 -20.99 4.74
N ASP C 134 40.32 -21.21 5.57
CA ASP C 134 40.44 -22.47 6.32
C ASP C 134 39.38 -22.61 7.42
N ARG C 135 39.04 -21.48 8.03
CA ARG C 135 38.13 -21.45 9.16
C ARG C 135 36.66 -21.68 8.83
N VAL C 136 36.29 -21.50 7.56
CA VAL C 136 34.90 -21.57 7.18
C VAL C 136 34.55 -22.83 6.39
N THR C 137 33.67 -23.65 6.94
CA THR C 137 33.28 -24.90 6.29
C THR C 137 32.29 -24.63 5.19
N CYS C 138 31.42 -23.64 5.42
CA CYS C 138 30.45 -23.24 4.43
C CYS C 138 29.78 -21.94 4.84
N CYS C 139 29.24 -21.25 3.83
CA CYS C 139 28.60 -19.95 3.99
C CYS C 139 27.22 -19.87 3.36
N THR C 140 26.30 -19.14 4.01
CA THR C 140 24.97 -18.88 3.49
C THR C 140 24.75 -17.38 3.63
N PHE C 141 24.55 -16.66 2.54
CA PHE C 141 24.32 -15.21 2.64
C PHE C 141 22.91 -14.96 2.30
N ILE C 142 22.26 -14.14 3.13
CA ILE C 142 20.85 -13.92 3.01
C ILE C 142 20.44 -12.55 2.50
N ASP C 143 19.78 -12.57 1.37
CA ASP C 143 19.22 -11.38 0.71
C ASP C 143 20.25 -10.32 0.41
N ILE C 144 21.41 -10.75 -0.10
CA ILE C 144 22.43 -9.76 -0.51
C ILE C 144 23.18 -10.09 -1.82
N ALA C 145 23.47 -9.06 -2.60
CA ALA C 145 24.36 -9.19 -3.73
C ALA C 145 25.65 -8.53 -3.21
N PRO C 146 26.83 -8.89 -3.76
CA PRO C 146 28.05 -8.30 -3.22
C PRO C 146 28.01 -6.79 -3.22
N THR C 147 28.70 -6.17 -2.28
CA THR C 147 28.64 -4.70 -2.16
C THR C 147 29.11 -3.95 -3.40
N ALA C 148 30.24 -4.41 -3.96
CA ALA C 148 30.85 -3.78 -5.15
C ALA C 148 29.91 -3.85 -6.37
N THR C 149 29.24 -4.98 -6.53
CA THR C 149 28.29 -5.16 -7.61
C THR C 149 27.10 -4.20 -7.46
N MSE C 150 26.61 -4.01 -6.23
CA MSE C 150 25.46 -3.15 -5.95
C MSE C 150 25.77 -1.70 -6.23
O MSE C 150 25.00 -1.01 -6.92
CB MSE C 150 24.96 -3.42 -4.53
CG MSE C 150 24.18 -4.73 -4.65
SE MSE C 150 23.36 -5.36 -2.98
CE MSE C 150 21.94 -4.01 -3.09
N TYR C 151 26.88 -1.21 -5.67
CA TYR C 151 27.28 0.16 -5.95
C TYR C 151 27.60 0.38 -7.46
N ALA C 152 28.22 -0.61 -8.11
CA ALA C 152 28.57 -0.50 -9.53
C ALA C 152 27.36 -0.36 -10.45
N LEU C 153 26.30 -1.09 -10.10
CA LEU C 153 25.08 -1.07 -10.90
C LEU C 153 24.14 0.05 -10.47
N THR C 154 24.64 0.98 -9.66
CA THR C 154 23.82 2.05 -9.18
C THR C 154 23.07 2.77 -10.31
N ASP C 155 21.75 2.69 -10.27
CA ASP C 155 20.89 3.42 -11.20
C ASP C 155 19.73 4.05 -10.45
N LYS C 156 18.86 4.70 -11.19
CA LYS C 156 17.71 5.40 -10.63
C LYS C 156 16.85 4.53 -9.76
N SER C 157 16.48 3.33 -10.21
CA SER C 157 15.59 2.52 -9.36
C SER C 157 16.33 2.02 -8.13
N PHE C 158 17.63 1.77 -8.27
CA PHE C 158 18.40 1.32 -7.12
C PHE C 158 18.54 2.37 -6.06
N ALA C 159 18.93 3.57 -6.46
CA ALA C 159 19.12 4.65 -5.52
C ALA C 159 17.79 5.04 -4.89
N THR C 160 16.70 4.77 -5.62
CA THR C 160 15.34 5.04 -5.14
C THR C 160 14.90 3.96 -4.12
N ARG C 161 15.09 2.70 -4.50
CA ARG C 161 14.65 1.52 -3.68
C ARG C 161 15.53 1.33 -2.44
N TYR C 162 16.82 1.54 -2.61
CA TYR C 162 17.81 1.44 -1.53
C TYR C 162 18.43 2.85 -1.23
N PHE C 163 17.56 3.86 -1.13
CA PHE C 163 18.01 5.24 -0.94
C PHE C 163 18.90 5.37 0.31
N TRP C 164 18.64 4.56 1.34
CA TRP C 164 19.51 4.63 2.53
C TRP C 164 21.01 4.36 2.21
N TRP C 165 21.32 3.73 1.08
CA TRP C 165 22.73 3.54 0.71
C TRP C 165 23.37 4.87 0.27
N PHE C 166 22.55 5.93 0.21
CA PHE C 166 23.05 7.24 -0.17
C PHE C 166 22.78 8.29 0.89
N PHE C 167 22.02 7.90 1.91
CA PHE C 167 21.66 8.77 2.99
C PHE C 167 22.53 8.52 4.21
N LEU C 168 22.70 7.25 4.57
CA LEU C 168 23.54 6.91 5.74
C LEU C 168 24.99 7.18 5.48
N ILE C 169 25.37 7.34 4.21
CA ILE C 169 26.75 7.62 3.91
C ILE C 169 27.06 9.11 3.82
N GLN C 170 26.07 9.99 4.00
CA GLN C 170 26.35 11.41 4.01
C GLN C 170 27.30 11.73 5.18
N PRO C 171 28.14 12.77 5.03
CA PRO C 171 29.13 13.10 6.09
C PRO C 171 28.55 13.33 7.49
N PHE C 172 29.32 12.98 8.50
CA PHE C 172 28.91 13.18 9.88
C PHE C 172 28.68 14.66 10.04
N PRO C 173 27.67 15.07 10.80
CA PRO C 173 26.66 14.33 11.57
C PRO C 173 25.24 14.31 10.97
N LEU C 174 25.14 14.42 9.65
CA LEU C 174 23.84 14.54 9.00
C LEU C 174 22.88 13.37 9.22
N PRO C 175 23.26 12.17 8.80
CA PRO C 175 22.26 11.13 9.02
C PRO C 175 21.96 10.89 10.51
N GLU C 176 23.00 10.90 11.34
CA GLU C 176 22.87 10.72 12.77
C GLU C 176 21.89 11.73 13.40
N THR C 177 21.99 12.98 12.96
CA THR C 177 21.11 14.03 13.48
C THR C 177 19.70 13.75 13.07
N MSE C 178 19.52 13.34 11.83
CA MSE C 178 18.17 13.08 11.33
C MSE C 178 17.53 11.89 12.01
O MSE C 178 16.35 11.94 12.37
CB MSE C 178 18.24 12.95 9.82
CG MSE C 178 18.36 14.34 9.21
SE MSE C 178 18.53 14.26 7.24
CE MSE C 178 16.86 13.29 6.85
N ILE C 179 18.27 10.80 12.17
CA ILE C 179 17.69 9.64 12.81
C ILE C 179 17.33 10.00 14.26
N ALA C 180 18.22 10.72 14.95
CA ALA C 180 18.00 11.17 16.35
C ALA C 180 16.71 11.96 16.55
N HIS C 181 16.22 12.65 15.53
CA HIS C 181 14.96 13.38 15.70
C HIS C 181 13.82 12.45 16.14
N ASP C 182 13.81 11.23 15.61
CA ASP C 182 12.80 10.23 15.98
C ASP C 182 13.31 8.84 15.58
N PRO C 183 14.11 8.22 16.46
CA PRO C 183 14.63 6.90 16.11
C PRO C 183 13.57 5.89 15.80
N ALA C 184 12.47 5.89 16.54
CA ALA C 184 11.42 4.87 16.35
C ALA C 184 10.73 4.98 14.99
N PHE C 185 10.56 6.20 14.53
CA PHE C 185 9.97 6.44 13.23
C PHE C 185 10.86 5.83 12.14
N PHE C 186 12.16 6.13 12.20
CA PHE C 186 13.04 5.68 11.17
C PHE C 186 13.27 4.14 11.29
N LEU C 187 13.24 3.60 12.49
CA LEU C 187 13.32 2.15 12.60
C LEU C 187 12.10 1.54 11.87
N ARG C 188 10.92 1.98 12.24
N ARG C 188 10.92 1.99 12.23
CA ARG C 188 9.67 1.48 11.67
CA ARG C 188 9.69 1.46 11.65
C ARG C 188 9.69 1.49 10.12
C ARG C 188 9.65 1.51 10.12
N LYS C 189 10.17 2.57 9.51
N LYS C 189 10.20 2.56 9.51
CA LYS C 189 10.20 2.65 8.04
CA LYS C 189 10.21 2.64 8.05
C LYS C 189 11.13 1.58 7.48
C LYS C 189 11.13 1.58 7.48
N HIS C 190 12.27 1.36 8.13
CA HIS C 190 13.19 0.30 7.69
C HIS C 190 12.55 -1.05 7.72
N ILE C 191 11.98 -1.40 8.88
CA ILE C 191 11.39 -2.68 9.04
C ILE C 191 10.22 -2.89 8.13
N SER C 192 9.38 -1.88 7.98
CA SER C 192 8.25 -1.99 7.05
C SER C 192 8.71 -2.22 5.62
N GLY C 193 9.75 -1.51 5.20
CA GLY C 193 10.27 -1.64 3.83
C GLY C 193 10.97 -2.96 3.59
N GLN C 194 11.50 -3.56 4.66
CA GLN C 194 12.18 -4.85 4.54
C GLN C 194 11.18 -5.98 4.40
N LEU C 195 10.24 -6.01 5.32
CA LEU C 195 9.27 -7.10 5.34
C LEU C 195 8.20 -7.04 4.27
N LYS C 196 7.87 -8.20 3.75
CA LYS C 196 6.74 -8.32 2.83
C LYS C 196 5.68 -9.16 3.53
N ILE C 197 6.10 -10.09 4.39
CA ILE C 197 5.16 -10.90 5.16
C ILE C 197 4.78 -10.09 6.40
N GLU C 198 3.67 -9.37 6.29
CA GLU C 198 3.23 -8.50 7.38
C GLU C 198 3.10 -9.20 8.72
N GLY C 199 3.67 -8.59 9.78
CA GLY C 199 3.60 -9.13 11.14
C GLY C 199 4.70 -10.11 11.54
N ALA C 200 5.65 -10.31 10.64
CA ALA C 200 6.80 -11.16 10.90
C ALA C 200 7.67 -10.57 12.04
N THR C 201 7.66 -9.24 12.22
CA THR C 201 8.33 -8.65 13.39
C THR C 201 7.24 -8.19 14.37
N SER C 202 6.97 -8.98 15.40
CA SER C 202 5.98 -8.56 16.39
C SER C 202 6.41 -7.25 17.08
N GLN C 203 5.44 -6.67 17.78
CA GLN C 203 5.65 -5.41 18.49
C GLN C 203 6.69 -5.59 19.61
N GLU C 204 6.65 -6.76 20.23
CA GLU C 204 7.62 -7.12 21.26
C GLU C 204 9.00 -7.24 20.58
N ALA C 205 9.07 -7.98 19.47
CA ALA C 205 10.32 -8.07 18.73
C ALA C 205 10.79 -6.64 18.29
N PHE C 206 9.87 -5.84 17.80
CA PHE C 206 10.22 -4.51 17.38
C PHE C 206 10.77 -3.68 18.53
N ASN C 207 10.10 -3.79 19.68
CA ASN C 207 10.50 -3.10 20.91
C ASN C 207 11.97 -3.40 21.29
N GLU C 208 12.36 -4.67 21.20
CA GLU C 208 13.75 -5.11 21.48
C GLU C 208 14.75 -4.48 20.50
N TYR C 209 14.36 -4.40 19.22
CA TYR C 209 15.24 -3.73 18.26
C TYR C 209 15.28 -2.25 18.61
N LEU C 210 14.15 -1.67 19.01
CA LEU C 210 14.15 -0.21 19.29
C LEU C 210 15.02 0.07 20.54
N ARG C 211 14.97 -0.80 21.55
CA ARG C 211 15.82 -0.63 22.75
C ARG C 211 17.29 -0.37 22.39
N CYS C 212 17.77 -1.07 21.39
CA CYS C 212 19.16 -0.91 20.96
C CYS C 212 19.37 0.24 19.97
N TYR C 213 18.44 0.41 19.05
CA TYR C 213 18.56 1.40 17.99
C TYR C 213 18.50 2.83 18.53
N GLN C 214 17.80 3.05 19.65
CA GLN C 214 17.70 4.43 20.14
C GLN C 214 18.98 4.94 20.81
N ASN C 215 19.94 4.06 21.06
CA ASN C 215 21.25 4.47 21.58
C ASN C 215 21.99 5.28 20.48
N PRO C 216 22.40 6.53 20.78
CA PRO C 216 23.10 7.29 19.74
C PRO C 216 24.43 6.64 19.30
N GLU C 217 25.06 5.86 20.17
CA GLU C 217 26.30 5.20 19.80
C GLU C 217 26.04 4.19 18.69
N MSE C 218 24.90 3.50 18.74
CA MSE C 218 24.50 2.55 17.68
C MSE C 218 24.19 3.26 16.39
O MSE C 218 24.57 2.81 15.33
CB MSE C 218 23.31 1.69 18.08
CG MSE C 218 22.84 0.87 16.86
SE MSE C 218 21.65 -0.60 17.37
CE MSE C 218 21.05 -1.10 15.57
N ILE C 219 23.48 4.37 16.46
N ILE C 219 23.48 4.39 16.49
CA ILE C 219 23.16 5.12 15.24
CA ILE C 219 23.15 5.21 15.33
C ILE C 219 24.43 5.61 14.53
C ILE C 219 24.40 5.62 14.56
N HIS C 220 25.41 6.12 15.29
CA HIS C 220 26.67 6.54 14.67
C HIS C 220 27.40 5.36 13.97
N ALA C 221 27.59 4.27 14.71
CA ALA C 221 28.24 3.06 14.19
C ALA C 221 27.58 2.51 12.91
N ILE C 222 26.26 2.57 12.84
CA ILE C 222 25.52 2.13 11.65
C ILE C 222 25.97 2.96 10.47
N CYS C 223 26.00 4.27 10.67
CA CYS C 223 26.41 5.17 9.62
C CYS C 223 27.85 4.89 9.19
N GLU C 224 28.74 4.71 10.15
CA GLU C 224 30.17 4.38 9.90
C GLU C 224 30.32 3.13 9.08
N ASP C 225 29.43 2.18 9.37
CA ASP C 225 29.41 0.91 8.69
C ASP C 225 29.05 1.11 7.22
N TYR C 226 28.02 1.90 6.95
CA TYR C 226 27.61 2.15 5.57
C TYR C 226 28.66 2.98 4.84
N ARG C 227 29.29 3.90 5.56
CA ARG C 227 30.35 4.72 4.98
C ARG C 227 31.56 3.84 4.63
N ALA C 228 31.79 2.79 5.41
CA ALA C 228 32.89 1.88 5.15
C ALA C 228 32.64 1.17 3.84
N ALA C 229 31.41 0.73 3.67
CA ALA C 229 30.98 0.00 2.49
C ALA C 229 31.02 0.82 1.22
N ALA C 230 31.01 2.14 1.37
CA ALA C 230 31.03 3.03 0.21
C ALA C 230 32.45 3.45 -0.07
N THR C 231 33.34 3.16 0.88
CA THR C 231 34.73 3.59 0.75
C THR C 231 35.76 2.45 0.95
N ILE C 232 36.30 2.35 2.15
CA ILE C 232 37.36 1.39 2.45
C ILE C 232 37.05 -0.12 2.15
N ASP C 233 35.80 -0.53 2.31
CA ASP C 233 35.41 -1.91 1.99
C ASP C 233 35.66 -2.21 0.51
N LEU C 234 35.25 -1.28 -0.35
CA LEU C 234 35.43 -1.46 -1.78
C LEU C 234 36.91 -1.56 -2.16
N ASP C 235 37.79 -0.79 -1.48
CA ASP C 235 39.24 -0.86 -1.69
C ASP C 235 39.72 -2.31 -1.44
N ASP C 236 39.35 -2.85 -0.29
CA ASP C 236 39.73 -4.22 0.07
C ASP C 236 39.24 -5.19 -0.98
N ASP C 237 38.00 -5.04 -1.41
CA ASP C 237 37.44 -5.96 -2.40
C ASP C 237 38.17 -5.88 -3.75
N ALA C 238 38.60 -4.68 -4.16
CA ALA C 238 39.39 -4.53 -5.39
C ALA C 238 40.79 -5.08 -5.19
N ALA C 239 41.38 -4.82 -4.02
CA ALA C 239 42.72 -5.29 -3.75
C ALA C 239 42.88 -6.83 -3.93
N ASP C 240 41.81 -7.62 -3.73
CA ASP C 240 41.86 -9.09 -4.01
C ASP C 240 40.69 -9.60 -4.90
N THR C 241 40.34 -8.81 -5.91
CA THR C 241 39.28 -9.11 -6.88
C THR C 241 39.46 -10.48 -7.59
N SER C 242 40.70 -10.97 -7.69
CA SER C 242 40.91 -12.25 -8.35
C SER C 242 40.57 -13.42 -7.41
N ALA C 243 40.61 -13.18 -6.10
CA ALA C 243 40.25 -14.22 -5.15
C ALA C 243 38.78 -14.64 -5.27
N ARG C 244 38.47 -15.87 -4.90
CA ARG C 244 37.10 -16.39 -4.94
C ARG C 244 36.83 -17.14 -3.62
N ILE C 245 35.57 -17.23 -3.21
CA ILE C 245 35.26 -17.99 -2.00
C ILE C 245 35.41 -19.46 -2.34
N ARG C 246 36.17 -20.20 -1.53
CA ARG C 246 36.38 -21.62 -1.83
C ARG C 246 35.33 -22.54 -1.20
N CYS C 247 34.86 -22.23 0.01
CA CYS C 247 33.88 -23.11 0.65
C CYS C 247 32.54 -23.05 -0.05
N PRO C 248 31.69 -24.08 0.18
CA PRO C 248 30.40 -24.02 -0.45
C PRO C 248 29.61 -22.75 -0.07
N LEU C 249 28.96 -22.13 -1.06
CA LEU C 249 28.18 -20.92 -0.81
C LEU C 249 26.70 -21.08 -1.15
N GLN C 250 25.82 -20.68 -0.22
CA GLN C 250 24.36 -20.73 -0.43
C GLN C 250 23.76 -19.32 -0.36
N LEU C 251 22.88 -18.98 -1.31
CA LEU C 251 22.22 -17.68 -1.30
C LEU C 251 20.74 -17.85 -1.12
N LEU C 252 20.21 -17.32 -0.02
CA LEU C 252 18.78 -17.35 0.18
C LEU C 252 18.33 -15.89 0.23
N TRP C 253 17.44 -15.53 -0.68
CA TRP C 253 16.93 -14.17 -0.76
C TRP C 253 15.41 -14.16 -0.96
N GLY C 254 14.79 -13.00 -0.79
CA GLY C 254 13.35 -12.91 -0.92
C GLY C 254 12.88 -12.54 -2.30
N GLY C 255 12.12 -13.45 -2.92
CA GLY C 255 11.62 -13.23 -4.26
C GLY C 255 10.81 -11.95 -4.35
N LEU C 256 10.14 -11.59 -3.27
CA LEU C 256 9.25 -10.40 -3.26
C LEU C 256 9.94 -9.07 -2.97
N GLY C 257 11.24 -9.12 -2.73
CA GLY C 257 12.01 -7.92 -2.34
C GLY C 257 12.94 -7.36 -3.38
N THR C 258 13.55 -6.24 -3.01
CA THR C 258 14.42 -5.45 -3.90
C THR C 258 15.56 -6.23 -4.55
N VAL C 259 16.36 -6.86 -3.74
CA VAL C 259 17.48 -7.61 -4.23
C VAL C 259 17.01 -8.70 -5.21
N GLY C 260 15.85 -9.28 -4.93
CA GLY C 260 15.32 -10.34 -5.78
C GLY C 260 14.94 -9.84 -7.14
N GLN C 261 14.32 -8.68 -7.17
CA GLN C 261 13.85 -8.09 -8.41
C GLN C 261 14.91 -7.36 -9.26
N LEU C 262 16.03 -6.95 -8.68
CA LEU C 262 17.02 -6.16 -9.45
C LEU C 262 18.19 -6.96 -10.05
N TYR C 263 18.58 -8.05 -9.40
CA TYR C 263 19.73 -8.83 -9.84
C TYR C 263 19.38 -10.28 -10.01
N ASN C 264 20.24 -10.97 -10.76
CA ASN C 264 20.21 -12.40 -10.86
C ASN C 264 21.13 -12.70 -9.65
N VAL C 265 20.50 -12.99 -8.52
CA VAL C 265 21.26 -13.17 -7.29
C VAL C 265 22.36 -14.21 -7.43
N VAL C 266 22.03 -15.43 -7.85
CA VAL C 266 23.04 -16.49 -7.99
C VAL C 266 24.15 -16.04 -8.92
N GLY C 267 23.77 -15.35 -9.99
CA GLY C 267 24.73 -14.86 -10.97
C GLY C 267 25.75 -13.90 -10.40
N THR C 268 25.30 -12.94 -9.59
CA THR C 268 26.23 -11.97 -9.00
C THR C 268 27.28 -12.67 -8.11
N TRP C 269 26.94 -13.83 -7.56
CA TRP C 269 27.91 -14.50 -6.67
C TRP C 269 28.84 -15.44 -7.41
N LYS C 270 28.39 -16.00 -8.53
CA LYS C 270 29.25 -16.88 -9.35
C LYS C 270 30.56 -16.16 -9.73
N GLU C 271 30.52 -14.83 -9.75
CA GLU C 271 31.69 -14.02 -10.11
C GLU C 271 32.60 -13.86 -8.90
N LYS C 272 32.13 -14.28 -7.73
CA LYS C 272 32.89 -14.14 -6.48
C LYS C 272 33.21 -15.44 -5.79
N ALA C 273 32.66 -16.55 -6.30
CA ALA C 273 32.83 -17.83 -5.65
C ALA C 273 32.81 -19.02 -6.60
N LEU C 274 33.54 -20.06 -6.22
CA LEU C 274 33.69 -21.24 -7.03
C LEU C 274 32.53 -22.22 -6.98
N ASN C 275 31.90 -22.36 -5.82
CA ASN C 275 30.85 -23.35 -5.59
C ASN C 275 29.60 -22.67 -5.07
N VAL C 276 28.67 -22.39 -5.97
CA VAL C 276 27.48 -21.58 -5.64
C VAL C 276 26.11 -22.18 -5.95
N GLN C 277 25.17 -21.96 -5.03
CA GLN C 277 23.78 -22.40 -5.21
C GLN C 277 22.87 -21.43 -4.46
N GLY C 278 21.58 -21.52 -4.70
CA GLY C 278 20.65 -20.67 -3.97
C GLY C 278 19.27 -20.61 -4.58
N GLU C 279 18.34 -20.01 -3.83
CA GLU C 279 17.01 -19.81 -4.37
C GLU C 279 16.25 -18.67 -3.67
N ALA C 280 15.20 -18.23 -4.33
CA ALA C 280 14.36 -17.20 -3.81
C ALA C 280 13.28 -17.84 -2.93
N LEU C 281 12.98 -17.21 -1.79
CA LEU C 281 11.97 -17.68 -0.87
C LEU C 281 10.81 -16.71 -1.04
N PRO C 282 9.57 -17.11 -0.71
CA PRO C 282 8.41 -16.25 -0.93
C PRO C 282 8.24 -15.19 0.17
N CYS C 283 9.19 -14.29 0.26
CA CYS C 283 9.17 -13.31 1.33
C CYS C 283 10.00 -12.10 0.94
N GLY C 284 10.06 -11.13 1.82
CA GLY C 284 10.85 -9.96 1.57
C GLY C 284 12.29 -10.22 1.98
N HIS C 285 12.83 -9.25 2.69
CA HIS C 285 14.22 -9.24 3.12
C HIS C 285 14.68 -10.19 4.23
N SER C 286 13.78 -10.64 5.11
CA SER C 286 14.17 -11.43 6.29
C SER C 286 13.42 -12.76 6.46
N PRO C 287 13.79 -13.76 5.65
CA PRO C 287 13.16 -15.07 5.75
C PRO C 287 13.26 -15.74 7.15
N GLN C 288 14.29 -15.44 7.92
CA GLN C 288 14.41 -16.08 9.22
C GLN C 288 13.27 -15.65 10.14
N GLU C 289 12.65 -14.51 9.81
CA GLU C 289 11.48 -14.00 10.55
C GLU C 289 10.18 -14.18 9.74
N GLU C 290 10.24 -13.98 8.42
CA GLU C 290 9.02 -14.04 7.55
C GLU C 290 8.51 -15.41 7.16
N CYS C 291 9.43 -16.35 6.94
CA CYS C 291 9.06 -17.72 6.62
C CYS C 291 10.11 -18.70 7.23
N PRO C 292 10.14 -18.78 8.58
CA PRO C 292 11.11 -19.59 9.34
C PRO C 292 11.18 -21.06 8.95
N GLU C 293 10.04 -21.72 8.85
CA GLU C 293 10.02 -23.14 8.46
C GLU C 293 10.77 -23.37 7.13
N TYR C 294 10.45 -22.61 6.11
CA TYR C 294 11.09 -22.83 4.81
C TYR C 294 12.59 -22.44 4.90
N PHE C 295 12.90 -21.43 5.72
CA PHE C 295 14.31 -21.04 5.93
C PHE C 295 15.06 -22.20 6.61
N ILE C 296 14.52 -22.77 7.67
CA ILE C 296 15.19 -23.88 8.33
C ILE C 296 15.42 -25.03 7.32
N GLN C 297 14.34 -25.50 6.70
CA GLN C 297 14.42 -26.58 5.72
C GLN C 297 15.55 -26.33 4.73
N LYS C 298 15.55 -25.17 4.09
CA LYS C 298 16.58 -24.86 3.09
C LYS C 298 18.02 -24.86 3.66
N LEU C 299 18.23 -24.24 4.82
CA LEU C 299 19.56 -24.20 5.46
C LEU C 299 20.09 -25.61 5.82
N GLN C 300 19.23 -26.44 6.39
CA GLN C 300 19.59 -27.81 6.80
C GLN C 300 20.06 -28.72 5.67
N SER C 301 19.40 -28.65 4.52
CA SER C 301 19.80 -29.45 3.34
C SER C 301 21.17 -29.03 2.88
N PHE C 302 21.41 -27.73 2.86
CA PHE C 302 22.73 -27.24 2.50
C PHE C 302 23.80 -27.69 3.49
N LEU C 303 23.55 -27.48 4.78
CA LEU C 303 24.51 -27.89 5.79
C LEU C 303 24.72 -29.43 5.73
N HIS C 304 23.66 -30.21 5.50
CA HIS C 304 23.78 -31.67 5.42
C HIS C 304 24.54 -32.10 4.14
N SER C 305 24.17 -31.53 2.99
CA SER C 305 24.83 -31.88 1.71
C SER C 305 26.32 -31.54 1.72
N VAL C 306 26.70 -30.60 2.58
CA VAL C 306 28.06 -30.11 2.68
C VAL C 306 28.90 -30.64 3.85
N LEU C 307 28.32 -30.73 5.06
CA LEU C 307 29.08 -31.15 6.26
C LEU C 307 29.36 -32.65 6.33
N LEU D 7 -22.16 31.65 -5.32
CA LEU D 7 -21.18 30.97 -6.21
C LEU D 7 -19.76 31.53 -6.01
N ILE D 8 -18.81 30.62 -5.78
CA ILE D 8 -17.39 30.98 -5.66
C ILE D 8 -16.68 30.23 -6.81
N GLU D 9 -16.17 31.00 -7.76
CA GLU D 9 -15.50 30.43 -8.95
C GLU D 9 -14.24 29.68 -8.56
N CYS D 10 -14.00 28.54 -9.22
CA CYS D 10 -12.80 27.73 -8.96
C CYS D 10 -12.00 27.51 -10.25
N GLY D 11 -12.27 28.34 -11.26
CA GLY D 11 -11.56 28.27 -12.52
C GLY D 11 -12.08 27.27 -13.53
N ALA D 12 -11.35 27.15 -14.64
CA ALA D 12 -11.71 26.25 -15.71
C ALA D 12 -11.41 24.81 -15.32
N SER D 13 -12.32 23.91 -15.69
CA SER D 13 -12.12 22.50 -15.48
C SER D 13 -10.90 22.07 -16.28
N PRO D 14 -9.95 21.35 -15.64
CA PRO D 14 -8.82 20.86 -16.43
C PRO D 14 -9.12 19.59 -17.23
N PHE D 15 -10.36 19.07 -17.16
CA PHE D 15 -10.76 17.81 -17.86
C PHE D 15 -11.92 17.95 -18.86
N ILE D 16 -12.80 18.92 -18.61
CA ILE D 16 -13.98 19.10 -19.46
C ILE D 16 -13.90 20.48 -20.11
N PRO D 17 -13.57 20.51 -21.42
CA PRO D 17 -13.43 21.78 -22.11
C PRO D 17 -14.69 22.66 -22.08
N GLY D 18 -14.48 23.94 -21.80
CA GLY D 18 -15.54 24.94 -21.81
C GLY D 18 -16.35 24.99 -20.54
N PHE D 19 -16.06 24.10 -19.60
CA PHE D 19 -16.77 24.05 -18.32
C PHE D 19 -16.07 24.79 -17.18
N ALA D 20 -16.86 25.39 -16.31
CA ALA D 20 -16.36 26.17 -15.17
C ALA D 20 -16.65 25.46 -13.88
N LEU D 21 -15.65 25.41 -12.99
CA LEU D 21 -15.83 24.77 -11.68
C LEU D 21 -16.28 25.77 -10.63
N LYS D 22 -17.20 25.33 -9.79
CA LYS D 22 -17.78 26.16 -8.74
C LYS D 22 -18.00 25.45 -7.43
N ASP D 23 -17.82 26.17 -6.33
CA ASP D 23 -18.21 25.72 -5.02
C ASP D 23 -19.52 26.46 -4.78
N VAL D 24 -20.59 25.74 -4.47
CA VAL D 24 -21.90 26.36 -4.32
C VAL D 24 -22.47 26.03 -2.94
N ARG D 25 -22.69 27.05 -2.13
CA ARG D 25 -23.26 26.82 -0.81
C ARG D 25 -24.79 26.78 -0.89
N LEU D 26 -25.35 25.65 -0.48
CA LEU D 26 -26.79 25.45 -0.50
C LEU D 26 -27.31 26.07 0.76
N GLU D 27 -28.62 26.11 0.95
CA GLU D 27 -29.07 26.73 2.18
C GLU D 27 -29.08 25.76 3.39
N ASN D 28 -28.86 24.48 3.12
CA ASN D 28 -28.77 23.52 4.22
C ASN D 28 -27.36 23.63 4.82
N GLY D 29 -26.58 24.60 4.31
CA GLY D 29 -25.22 24.85 4.80
C GLY D 29 -24.15 24.02 4.08
N LEU D 30 -24.57 22.98 3.36
CA LEU D 30 -23.63 22.16 2.64
C LEU D 30 -23.04 22.94 1.48
N THR D 31 -21.76 22.70 1.21
CA THR D 31 -21.06 23.30 0.07
C THR D 31 -20.79 22.17 -0.93
N VAL D 32 -21.17 22.38 -2.18
CA VAL D 32 -20.93 21.37 -3.17
C VAL D 32 -20.20 21.93 -4.36
N ARG D 33 -19.42 21.05 -4.96
CA ARG D 33 -18.63 21.34 -6.12
C ARG D 33 -19.46 20.96 -7.33
N VAL D 34 -19.29 21.73 -8.39
CA VAL D 34 -20.07 21.50 -9.58
C VAL D 34 -19.36 22.06 -10.82
N ALA D 35 -19.53 21.38 -11.94
CA ALA D 35 -19.00 21.81 -13.21
C ALA D 35 -20.22 22.27 -13.99
N ILE D 36 -20.14 23.47 -14.57
CA ILE D 36 -21.26 24.02 -15.34
C ILE D 36 -20.76 24.48 -16.71
N GLY D 37 -21.52 24.18 -17.76
CA GLY D 37 -21.17 24.62 -19.10
C GLY D 37 -22.36 24.65 -20.03
N GLY D 38 -22.21 25.30 -21.16
CA GLY D 38 -23.25 25.35 -22.17
C GLY D 38 -24.28 26.41 -21.90
N SER D 39 -25.36 26.35 -22.67
CA SER D 39 -26.50 27.26 -22.52
C SER D 39 -27.71 26.46 -22.98
N GLY D 40 -28.91 26.95 -22.69
CA GLY D 40 -30.14 26.23 -23.02
C GLY D 40 -30.73 25.66 -21.73
N SER D 41 -31.77 24.83 -21.86
CA SER D 41 -32.44 24.26 -20.70
C SER D 41 -31.49 23.37 -19.88
N PRO D 42 -31.66 23.41 -18.55
CA PRO D 42 -30.84 22.71 -17.58
C PRO D 42 -30.95 21.18 -17.71
N LEU D 43 -29.79 20.56 -17.75
CA LEU D 43 -29.65 19.09 -17.82
C LEU D 43 -28.64 18.72 -16.77
N VAL D 44 -29.09 18.07 -15.71
CA VAL D 44 -28.22 17.61 -14.65
C VAL D 44 -27.73 16.18 -14.96
N LEU D 45 -26.41 15.95 -14.81
CA LEU D 45 -25.80 14.64 -14.98
C LEU D 45 -25.13 14.40 -13.66
N LEU D 46 -25.65 13.46 -12.89
CA LEU D 46 -25.12 13.15 -11.57
C LEU D 46 -24.38 11.79 -11.53
N HIS D 47 -23.10 11.80 -11.22
CA HIS D 47 -22.30 10.55 -11.15
C HIS D 47 -22.66 9.62 -9.98
N GLY D 48 -21.92 8.51 -9.92
CA GLY D 48 -22.05 7.54 -8.86
C GLY D 48 -20.72 7.15 -8.26
N HIS D 49 -20.69 5.96 -7.65
CA HIS D 49 -19.54 5.42 -6.94
C HIS D 49 -18.68 4.54 -7.81
N PRO D 50 -17.35 4.73 -7.77
CA PRO D 50 -16.51 5.64 -7.02
C PRO D 50 -15.93 6.76 -7.87
N GLN D 51 -16.73 7.26 -8.79
CA GLN D 51 -16.31 8.37 -9.60
C GLN D 51 -16.66 9.72 -8.95
N ASN D 52 -16.28 10.80 -9.64
CA ASN D 52 -16.70 12.14 -9.29
C ASN D 52 -17.36 12.66 -10.59
N HIS D 53 -17.62 13.97 -10.69
CA HIS D 53 -18.37 14.46 -11.84
C HIS D 53 -17.56 14.29 -13.14
N THR D 54 -16.27 13.97 -13.06
CA THR D 54 -15.49 13.80 -14.30
C THR D 54 -15.86 12.58 -15.15
N THR D 55 -16.74 11.70 -14.64
CA THR D 55 -17.22 10.55 -15.43
C THR D 55 -17.96 11.04 -16.70
N TRP D 56 -18.42 12.28 -16.68
CA TRP D 56 -19.16 12.85 -17.78
C TRP D 56 -18.30 13.62 -18.80
N ARG D 57 -16.97 13.63 -18.59
CA ARG D 57 -16.04 14.36 -19.44
C ARG D 57 -16.11 14.07 -20.94
N LYS D 58 -16.64 12.91 -21.34
CA LYS D 58 -16.65 12.57 -22.78
C LYS D 58 -17.97 12.90 -23.48
N VAL D 59 -19.01 13.20 -22.71
CA VAL D 59 -20.31 13.48 -23.29
C VAL D 59 -20.78 14.89 -22.97
N ALA D 60 -20.32 15.43 -21.83
CA ALA D 60 -20.78 16.75 -21.42
C ALA D 60 -20.61 17.83 -22.51
N PRO D 61 -19.39 17.97 -23.09
CA PRO D 61 -19.19 18.99 -24.10
C PRO D 61 -20.23 18.90 -25.22
N THR D 62 -20.55 17.68 -25.68
CA THR D 62 -21.53 17.57 -26.75
C THR D 62 -22.89 17.97 -26.26
N LEU D 63 -23.29 17.52 -25.09
CA LEU D 63 -24.59 17.88 -24.55
C LEU D 63 -24.74 19.41 -24.30
N ALA D 64 -23.63 20.04 -23.93
CA ALA D 64 -23.63 21.44 -23.65
C ALA D 64 -23.96 22.29 -24.88
N GLN D 65 -24.09 21.67 -26.05
CA GLN D 65 -24.44 22.41 -27.25
C GLN D 65 -25.91 22.80 -27.31
N ASN D 66 -26.76 22.05 -26.65
CA ASN D 66 -28.18 22.29 -26.66
C ASN D 66 -28.74 22.55 -25.27
N HIS D 67 -27.93 22.36 -24.24
CA HIS D 67 -28.38 22.47 -22.85
C HIS D 67 -27.34 23.12 -21.95
N THR D 68 -27.82 23.71 -20.83
CA THR D 68 -26.93 24.20 -19.78
C THR D 68 -26.66 22.92 -18.98
N VAL D 69 -25.44 22.40 -19.06
CA VAL D 69 -25.09 21.11 -18.42
C VAL D 69 -24.48 21.30 -17.04
N ILE D 70 -25.12 20.69 -16.04
CA ILE D 70 -24.71 20.79 -14.65
C ILE D 70 -24.22 19.40 -14.10
N LEU D 71 -22.98 19.35 -13.62
CA LEU D 71 -22.33 18.10 -13.13
C LEU D 71 -21.87 18.27 -11.68
N PRO D 72 -22.71 17.89 -10.70
CA PRO D 72 -22.33 18.05 -9.33
C PRO D 72 -21.62 16.83 -8.83
N ASP D 73 -20.88 17.01 -7.74
CA ASP D 73 -20.25 15.90 -7.00
C ASP D 73 -21.20 15.66 -5.83
N LEU D 74 -21.62 14.42 -5.64
CA LEU D 74 -22.52 14.05 -4.52
C LEU D 74 -21.88 14.38 -3.21
N ARG D 75 -22.69 14.73 -2.21
CA ARG D 75 -22.15 14.96 -0.87
C ARG D 75 -21.39 13.73 -0.47
N GLY D 76 -20.22 13.93 0.10
CA GLY D 76 -19.37 12.84 0.52
C GLY D 76 -18.37 12.44 -0.53
N TYR D 77 -18.62 12.83 -1.78
CA TYR D 77 -17.78 12.47 -2.89
C TYR D 77 -17.07 13.66 -3.52
N GLY D 78 -16.14 13.36 -4.42
CA GLY D 78 -15.39 14.37 -5.15
C GLY D 78 -14.84 15.43 -4.23
N ASP D 79 -15.12 16.68 -4.59
CA ASP D 79 -14.68 17.82 -3.77
C ASP D 79 -15.82 18.51 -3.05
N SER D 80 -17.03 17.95 -3.09
CA SER D 80 -18.14 18.51 -2.32
C SER D 80 -17.88 18.28 -0.84
N ASP D 81 -18.64 18.93 0.03
CA ASP D 81 -18.49 18.74 1.47
C ASP D 81 -18.72 17.28 1.86
N LYS D 82 -18.15 16.91 2.99
CA LYS D 82 -18.24 15.52 3.49
C LYS D 82 -18.69 15.59 4.95
N PRO D 83 -19.95 15.93 5.17
CA PRO D 83 -20.45 16.13 6.52
C PRO D 83 -20.47 14.90 7.39
N THR D 84 -20.37 15.16 8.69
CA THR D 84 -20.45 14.16 9.71
C THR D 84 -21.78 13.43 9.59
N SER D 85 -21.73 12.11 9.74
CA SER D 85 -22.94 11.33 9.63
C SER D 85 -23.62 11.24 10.98
N ASP D 86 -24.76 10.58 10.99
CA ASP D 86 -25.59 10.37 12.18
C ASP D 86 -25.77 8.86 12.30
N PRO D 87 -26.12 8.38 13.50
CA PRO D 87 -26.25 6.92 13.66
C PRO D 87 -27.18 6.19 12.69
N ALA D 88 -28.19 6.87 12.13
CA ALA D 88 -29.11 6.17 11.26
C ALA D 88 -28.75 6.29 9.77
N HIS D 89 -27.66 6.98 9.45
CA HIS D 89 -27.21 7.15 8.07
C HIS D 89 -28.08 8.12 7.24
N ARG D 90 -29.01 8.81 7.89
CA ARG D 90 -29.92 9.79 7.24
C ARG D 90 -29.12 10.84 6.44
N THR D 91 -28.00 11.30 7.01
CA THR D 91 -27.11 12.26 6.35
C THR D 91 -26.66 11.83 4.90
N TYR D 92 -26.69 10.54 4.60
CA TYR D 92 -26.31 10.05 3.30
C TYR D 92 -27.45 9.26 2.63
N SER D 93 -28.66 9.41 3.13
CA SER D 93 -29.82 8.77 2.50
C SER D 93 -30.04 9.41 1.14
N LYS D 94 -30.85 8.78 0.28
CA LYS D 94 -31.14 9.35 -1.05
C LYS D 94 -32.10 10.57 -1.02
N ARG D 95 -32.90 10.68 0.04
CA ARG D 95 -33.80 11.84 0.22
C ARG D 95 -33.00 13.11 0.53
N THR D 96 -31.98 12.98 1.39
CA THR D 96 -31.09 14.08 1.71
C THR D 96 -30.26 14.45 0.46
N MSE D 97 -29.81 13.46 -0.31
CA MSE D 97 -29.02 13.73 -1.53
C MSE D 97 -29.89 14.37 -2.57
O MSE D 97 -29.43 15.24 -3.30
CB MSE D 97 -28.38 12.45 -2.07
CG MSE D 97 -27.28 11.96 -1.12
SE MSE D 97 -26.38 10.36 -1.88
CE MSE D 97 -24.84 10.16 -0.66
N ALA D 98 -31.15 13.97 -2.65
CA ALA D 98 -32.07 14.58 -3.60
C ALA D 98 -32.30 16.06 -3.25
N GLN D 99 -32.37 16.36 -1.96
CA GLN D 99 -32.56 17.72 -1.50
C GLN D 99 -31.36 18.60 -1.89
N ASP D 100 -30.15 18.04 -1.89
CA ASP D 100 -28.98 18.83 -2.28
C ASP D 100 -29.14 19.33 -3.72
N ILE D 101 -29.65 18.44 -4.59
CA ILE D 101 -29.86 18.71 -6.03
C ILE D 101 -30.91 19.80 -6.20
N VAL D 102 -32.07 19.58 -5.63
CA VAL D 102 -33.08 20.59 -5.68
C VAL D 102 -32.54 21.94 -5.21
N MSE D 103 -31.78 21.95 -4.12
CA MSE D 103 -31.23 23.19 -3.57
C MSE D 103 -30.16 23.75 -4.46
O MSE D 103 -30.01 24.97 -4.57
CB MSE D 103 -30.74 22.99 -2.14
CG MSE D 103 -31.91 22.95 -1.14
SE MSE D 103 -31.22 22.58 0.65
CE MSE D 103 -32.80 23.18 1.67
N LEU D 104 -29.44 22.89 -5.13
CA LEU D 104 -28.40 23.34 -6.04
C LEU D 104 -29.06 24.13 -7.18
N MSE D 105 -30.14 23.58 -7.72
CA MSE D 105 -30.87 24.21 -8.82
C MSE D 105 -31.48 25.53 -8.39
O MSE D 105 -31.50 26.47 -9.19
CB MSE D 105 -31.89 23.21 -9.36
CG MSE D 105 -31.21 21.93 -9.88
SE MSE D 105 -29.82 22.30 -11.25
CE MSE D 105 -31.10 22.30 -12.73
N ASP D 106 -31.94 25.63 -7.15
CA ASP D 106 -32.43 26.93 -6.63
C ASP D 106 -31.27 27.93 -6.64
N ALA D 107 -30.16 27.53 -6.04
CA ALA D 107 -28.98 28.40 -5.98
C ALA D 107 -28.57 28.91 -7.36
N LEU D 108 -28.69 28.06 -8.37
CA LEU D 108 -28.32 28.46 -9.72
C LEU D 108 -29.46 29.11 -10.48
N GLY D 109 -30.64 29.21 -9.87
CA GLY D 109 -31.81 29.86 -10.49
C GLY D 109 -32.63 28.98 -11.43
N PHE D 110 -32.41 27.66 -11.39
CA PHE D 110 -33.19 26.77 -12.25
C PHE D 110 -34.35 26.10 -11.53
N SER D 111 -35.57 26.38 -11.95
CA SER D 111 -36.71 25.68 -11.39
C SER D 111 -36.76 24.26 -11.98
N ARG D 112 -37.40 24.09 -13.13
CA ARG D 112 -37.51 22.77 -13.77
C ARG D 112 -36.22 22.36 -14.49
N PHE D 113 -35.95 21.05 -14.56
CA PHE D 113 -34.73 20.60 -15.21
C PHE D 113 -34.81 19.15 -15.58
N ALA D 114 -34.00 18.77 -16.58
CA ALA D 114 -33.92 17.40 -17.02
C ALA D 114 -32.85 16.78 -16.15
N PHE D 115 -32.99 15.48 -15.88
CA PHE D 115 -32.10 14.77 -14.97
C PHE D 115 -31.52 13.46 -15.52
N VAL D 116 -30.23 13.20 -15.26
CA VAL D 116 -29.61 11.93 -15.66
C VAL D 116 -28.77 11.44 -14.48
N GLY D 117 -29.00 10.19 -14.09
CA GLY D 117 -28.29 9.64 -12.94
C GLY D 117 -27.69 8.26 -13.18
N HIS D 118 -26.40 8.16 -12.86
CA HIS D 118 -25.64 6.93 -12.93
C HIS D 118 -25.41 6.36 -11.56
N ASP D 119 -25.60 5.05 -11.44
CA ASP D 119 -25.23 4.36 -10.20
C ASP D 119 -25.88 5.13 -9.03
N ARG D 120 -25.14 5.45 -7.99
CA ARG D 120 -25.68 6.16 -6.84
C ARG D 120 -26.52 7.36 -7.27
N GLY D 121 -26.08 8.03 -8.33
CA GLY D 121 -26.74 9.21 -8.91
C GLY D 121 -28.17 8.94 -9.37
N GLY D 122 -28.35 7.76 -9.95
CA GLY D 122 -29.68 7.36 -10.39
C GLY D 122 -30.58 7.03 -9.20
N ARG D 123 -30.01 6.48 -8.11
CA ARG D 123 -30.78 6.17 -6.88
C ARG D 123 -31.27 7.47 -6.24
N VAL D 124 -30.40 8.48 -6.26
CA VAL D 124 -30.73 9.83 -5.82
C VAL D 124 -31.88 10.33 -6.69
N GLY D 125 -31.81 9.99 -7.99
CA GLY D 125 -32.82 10.41 -8.99
C GLY D 125 -34.21 9.83 -8.78
N HIS D 126 -34.25 8.57 -8.38
CA HIS D 126 -35.51 7.90 -8.10
C HIS D 126 -36.21 8.72 -7.01
N ARG D 127 -35.52 8.88 -5.89
CA ARG D 127 -36.05 9.58 -4.75
C ARG D 127 -36.41 11.05 -5.11
N LEU D 128 -35.57 11.69 -5.93
CA LEU D 128 -35.77 13.07 -6.37
C LEU D 128 -37.10 13.17 -7.09
N ALA D 129 -37.31 12.31 -8.08
CA ALA D 129 -38.54 12.35 -8.88
C ALA D 129 -39.79 12.06 -8.05
N LEU D 130 -39.64 11.30 -6.96
CA LEU D 130 -40.80 11.06 -6.09
C LEU D 130 -41.06 12.22 -5.14
N ASP D 131 -40.01 12.81 -4.57
CA ASP D 131 -40.18 13.94 -3.66
C ASP D 131 -40.50 15.26 -4.37
N TYR D 132 -39.88 15.50 -5.52
CA TYR D 132 -40.11 16.77 -6.26
C TYR D 132 -40.55 16.51 -7.71
N PRO D 133 -41.69 15.86 -7.90
CA PRO D 133 -42.13 15.53 -9.25
C PRO D 133 -42.36 16.75 -10.18
N ASP D 134 -42.68 17.90 -9.61
CA ASP D 134 -42.88 19.09 -10.43
C ASP D 134 -41.55 19.66 -10.95
N ARG D 135 -40.46 19.41 -10.24
CA ARG D 135 -39.16 19.94 -10.64
C ARG D 135 -38.46 19.17 -11.78
N VAL D 136 -38.90 17.94 -12.01
CA VAL D 136 -38.25 17.08 -12.99
C VAL D 136 -39.02 16.87 -14.29
N THR D 137 -38.47 17.36 -15.40
CA THR D 137 -39.13 17.20 -16.71
C THR D 137 -39.03 15.78 -17.22
N CYS D 138 -37.91 15.11 -16.94
CA CYS D 138 -37.71 13.72 -17.32
C CYS D 138 -36.48 13.23 -16.64
N CYS D 139 -36.38 11.91 -16.46
CA CYS D 139 -35.21 11.28 -15.83
C CYS D 139 -34.61 10.17 -16.69
N THR D 140 -33.30 9.96 -16.55
CA THR D 140 -32.64 8.87 -17.22
C THR D 140 -31.78 8.22 -16.13
N PHE D 141 -32.04 6.95 -15.81
CA PHE D 141 -31.25 6.26 -14.80
C PHE D 141 -30.37 5.25 -15.46
N ILE D 142 -29.08 5.35 -15.15
CA ILE D 142 -28.05 4.56 -15.81
C ILE D 142 -27.47 3.38 -15.02
N ASP D 143 -27.75 2.19 -15.56
CA ASP D 143 -27.27 0.89 -15.05
C ASP D 143 -27.71 0.60 -13.67
N ILE D 144 -28.98 0.81 -13.38
CA ILE D 144 -29.52 0.49 -12.04
C ILE D 144 -30.97 -0.04 -12.06
N ALA D 145 -31.26 -0.97 -11.17
CA ALA D 145 -32.63 -1.41 -10.92
C ALA D 145 -32.89 -0.76 -9.56
N PRO D 146 -34.17 -0.61 -9.15
CA PRO D 146 -34.37 0.09 -7.90
C PRO D 146 -33.72 -0.62 -6.72
N THR D 147 -33.31 0.14 -5.73
CA THR D 147 -32.59 -0.43 -4.58
C THR D 147 -33.32 -1.57 -3.88
N ALA D 148 -34.58 -1.34 -3.53
CA ALA D 148 -35.46 -2.34 -2.88
C ALA D 148 -35.59 -3.64 -3.69
N THR D 149 -35.78 -3.51 -5.00
CA THR D 149 -35.87 -4.66 -5.90
C THR D 149 -34.55 -5.50 -5.91
N MSE D 150 -33.40 -4.82 -5.90
CA MSE D 150 -32.11 -5.50 -5.95
C MSE D 150 -31.85 -6.23 -4.65
O MSE D 150 -31.45 -7.41 -4.68
CB MSE D 150 -31.00 -4.54 -6.33
CG MSE D 150 -31.12 -4.31 -7.83
SE MSE D 150 -29.82 -2.98 -8.49
CE MSE D 150 -28.32 -4.25 -8.39
N TYR D 151 -32.03 -5.55 -3.51
CA TYR D 151 -31.85 -6.20 -2.22
C TYR D 151 -32.87 -7.35 -2.00
N ALA D 152 -34.12 -7.12 -2.41
CA ALA D 152 -35.15 -8.16 -2.26
C ALA D 152 -34.84 -9.42 -3.06
N LEU D 153 -34.28 -9.23 -4.25
CA LEU D 153 -33.92 -10.39 -5.10
C LEU D 153 -32.57 -11.01 -4.71
N THR D 154 -32.03 -10.61 -3.57
CA THR D 154 -30.74 -11.14 -3.15
C THR D 154 -30.63 -12.64 -3.22
N ASP D 155 -29.66 -13.09 -4.00
CA ASP D 155 -29.33 -14.52 -4.16
C ASP D 155 -27.83 -14.68 -4.24
N LYS D 156 -27.37 -15.92 -4.42
CA LYS D 156 -25.94 -16.21 -4.47
C LYS D 156 -25.25 -15.39 -5.59
N SER D 157 -25.76 -15.52 -6.79
CA SER D 157 -25.23 -14.80 -7.96
C SER D 157 -25.09 -13.31 -7.66
N PHE D 158 -26.10 -12.73 -7.02
CA PHE D 158 -26.06 -11.32 -6.73
C PHE D 158 -25.10 -10.93 -5.64
N ALA D 159 -25.22 -11.55 -4.47
CA ALA D 159 -24.28 -11.24 -3.40
C ALA D 159 -22.85 -11.52 -3.83
N THR D 160 -22.67 -12.39 -4.82
CA THR D 160 -21.33 -12.68 -5.33
C THR D 160 -20.87 -11.56 -6.27
N ARG D 161 -21.70 -11.22 -7.24
CA ARG D 161 -21.32 -10.22 -8.23
C ARG D 161 -21.28 -8.78 -7.72
N TYR D 162 -22.11 -8.47 -6.72
CA TYR D 162 -22.19 -7.14 -6.11
C TYR D 162 -21.88 -7.26 -4.62
N PHE D 163 -20.79 -7.96 -4.33
CA PHE D 163 -20.43 -8.29 -2.97
C PHE D 163 -20.24 -7.07 -2.10
N TRP D 164 -19.85 -5.96 -2.72
CA TRP D 164 -19.62 -4.74 -1.96
C TRP D 164 -20.94 -4.21 -1.34
N TRP D 165 -22.09 -4.65 -1.85
CA TRP D 165 -23.38 -4.27 -1.24
C TRP D 165 -23.53 -4.95 0.14
N PHE D 166 -22.58 -5.82 0.49
CA PHE D 166 -22.62 -6.47 1.80
C PHE D 166 -21.38 -6.19 2.61
N PHE D 167 -20.33 -5.71 1.93
CA PHE D 167 -19.07 -5.39 2.57
C PHE D 167 -19.02 -3.95 3.09
N LEU D 168 -19.47 -2.99 2.26
CA LEU D 168 -19.46 -1.58 2.62
C LEU D 168 -20.50 -1.26 3.67
N ILE D 169 -21.49 -2.13 3.83
CA ILE D 169 -22.47 -1.90 4.87
C ILE D 169 -22.11 -2.53 6.19
N GLN D 170 -21.01 -3.28 6.28
CA GLN D 170 -20.65 -3.86 7.57
C GLN D 170 -20.45 -2.77 8.61
N PRO D 171 -20.74 -3.05 9.89
CA PRO D 171 -20.63 -1.98 10.90
C PRO D 171 -19.32 -1.20 10.89
N PHE D 172 -19.41 0.08 11.18
CA PHE D 172 -18.24 0.94 11.28
C PHE D 172 -17.34 0.34 12.34
N PRO D 173 -16.01 0.39 12.17
CA PRO D 173 -15.19 0.95 11.09
C PRO D 173 -14.57 -0.14 10.20
N LEU D 174 -15.28 -1.24 9.98
CA LEU D 174 -14.66 -2.37 9.28
C LEU D 174 -14.28 -2.06 7.82
N PRO D 175 -15.27 -1.74 6.97
CA PRO D 175 -14.90 -1.49 5.59
C PRO D 175 -13.93 -0.31 5.42
N GLU D 176 -14.16 0.75 6.20
CA GLU D 176 -13.31 1.93 6.16
C GLU D 176 -11.85 1.56 6.44
N THR D 177 -11.65 0.68 7.40
CA THR D 177 -10.33 0.28 7.78
C THR D 177 -9.65 -0.55 6.70
N MSE D 178 -10.39 -1.47 6.10
CA MSE D 178 -9.81 -2.34 5.06
C MSE D 178 -9.47 -1.59 3.77
O MSE D 178 -8.51 -1.94 3.08
CB MSE D 178 -10.73 -3.51 4.72
CG MSE D 178 -10.66 -4.55 5.82
SE MSE D 178 -12.07 -5.91 5.60
CE MSE D 178 -12.02 -6.50 7.46
N ILE D 179 -10.27 -0.57 3.44
CA ILE D 179 -10.03 0.22 2.24
C ILE D 179 -8.79 1.07 2.46
N ALA D 180 -8.74 1.70 3.62
CA ALA D 180 -7.60 2.51 4.00
C ALA D 180 -6.30 1.75 3.90
N HIS D 181 -6.30 0.44 4.11
CA HIS D 181 -5.02 -0.28 3.94
C HIS D 181 -4.37 0.05 2.58
N ASP D 182 -5.17 0.34 1.55
CA ASP D 182 -4.63 0.65 0.22
C ASP D 182 -5.80 1.06 -0.65
N PRO D 183 -6.13 2.35 -0.68
CA PRO D 183 -7.29 2.72 -1.45
C PRO D 183 -7.11 2.54 -2.96
N ALA D 184 -5.89 2.76 -3.45
CA ALA D 184 -5.69 2.61 -4.91
C ALA D 184 -6.03 1.18 -5.38
N PHE D 185 -5.57 0.19 -4.62
CA PHE D 185 -5.83 -1.22 -4.94
C PHE D 185 -7.29 -1.55 -5.00
N PHE D 186 -8.06 -1.03 -4.04
CA PHE D 186 -9.48 -1.34 -3.99
C PHE D 186 -10.23 -0.48 -5.02
N LEU D 187 -9.74 0.71 -5.28
CA LEU D 187 -10.38 1.49 -6.33
C LEU D 187 -10.23 0.76 -7.68
N ARG D 188 -9.04 0.21 -7.94
CA ARG D 188 -8.76 -0.45 -9.21
C ARG D 188 -9.67 -1.65 -9.42
N LYS D 189 -9.92 -2.41 -8.35
CA LYS D 189 -10.81 -3.56 -8.41
C LYS D 189 -12.22 -3.10 -8.79
N HIS D 190 -12.76 -2.09 -8.10
CA HIS D 190 -14.09 -1.53 -8.48
C HIS D 190 -14.15 -1.16 -9.95
N ILE D 191 -13.23 -0.30 -10.40
CA ILE D 191 -13.24 0.20 -11.78
C ILE D 191 -13.11 -0.91 -12.81
N SER D 192 -12.19 -1.84 -12.57
CA SER D 192 -12.04 -3.01 -13.45
C SER D 192 -13.30 -3.84 -13.48
N GLY D 193 -13.95 -4.02 -12.34
CA GLY D 193 -15.19 -4.80 -12.30
C GLY D 193 -16.35 -4.13 -13.05
N GLN D 194 -16.39 -2.81 -13.08
CA GLN D 194 -17.47 -2.08 -13.74
C GLN D 194 -17.31 -2.08 -15.26
N LEU D 195 -16.09 -1.81 -15.71
CA LEU D 195 -15.80 -1.66 -17.12
C LEU D 195 -15.63 -2.97 -17.86
N LYS D 196 -16.27 -3.02 -19.02
CA LYS D 196 -16.18 -4.14 -19.93
C LYS D 196 -15.42 -3.70 -21.20
N ILE D 197 -15.58 -2.44 -21.58
CA ILE D 197 -14.85 -1.88 -22.72
C ILE D 197 -13.53 -1.34 -22.14
N GLU D 198 -12.48 -2.17 -22.24
CA GLU D 198 -11.14 -1.86 -21.72
C GLU D 198 -10.59 -0.50 -22.17
N GLY D 199 -10.06 0.28 -21.21
CA GLY D 199 -9.46 1.59 -21.51
C GLY D 199 -10.39 2.81 -21.45
N ALA D 200 -11.68 2.57 -21.20
CA ALA D 200 -12.61 3.69 -21.09
C ALA D 200 -12.23 4.65 -19.96
N THR D 201 -11.56 4.15 -18.92
CA THR D 201 -11.05 5.01 -17.87
C THR D 201 -9.52 5.04 -18.01
N SER D 202 -9.00 6.08 -18.64
CA SER D 202 -7.56 6.23 -18.82
C SER D 202 -6.87 6.35 -17.46
N GLN D 203 -5.54 6.29 -17.52
CA GLN D 203 -4.71 6.41 -16.32
C GLN D 203 -4.87 7.78 -15.65
N GLU D 204 -4.97 8.82 -16.47
CA GLU D 204 -5.18 10.16 -15.98
C GLU D 204 -6.58 10.24 -15.34
N ALA D 205 -7.58 9.66 -16.01
CA ALA D 205 -8.95 9.68 -15.46
C ALA D 205 -9.00 8.93 -14.15
N PHE D 206 -8.30 7.80 -14.08
CA PHE D 206 -8.23 7.02 -12.87
C PHE D 206 -7.56 7.82 -11.78
N ASN D 207 -6.46 8.47 -12.11
CA ASN D 207 -5.70 9.28 -11.17
C ASN D 207 -6.57 10.34 -10.49
N GLU D 208 -7.44 10.96 -11.28
CA GLU D 208 -8.39 11.97 -10.77
C GLU D 208 -9.39 11.35 -9.77
N TYR D 209 -9.93 10.16 -10.09
CA TYR D 209 -10.83 9.51 -9.13
C TYR D 209 -10.06 9.13 -7.87
N LEU D 210 -8.79 8.74 -8.04
CA LEU D 210 -7.97 8.33 -6.90
C LEU D 210 -7.71 9.53 -5.99
N ARG D 211 -7.51 10.70 -6.59
CA ARG D 211 -7.21 11.89 -5.80
C ARG D 211 -8.30 12.11 -4.74
N CYS D 212 -9.55 11.90 -5.14
CA CYS D 212 -10.67 12.07 -4.26
C CYS D 212 -10.86 10.85 -3.31
N TYR D 213 -10.72 9.64 -3.87
CA TYR D 213 -10.99 8.38 -3.18
C TYR D 213 -10.03 8.17 -2.00
N GLN D 214 -8.82 8.74 -2.10
CA GLN D 214 -7.82 8.64 -1.04
C GLN D 214 -8.26 9.26 0.29
N ASN D 215 -9.04 10.34 0.22
CA ASN D 215 -9.53 11.02 1.41
C ASN D 215 -10.36 10.09 2.30
N PRO D 216 -9.92 9.84 3.54
CA PRO D 216 -10.72 8.99 4.45
C PRO D 216 -12.16 9.50 4.66
N GLU D 217 -12.34 10.81 4.55
CA GLU D 217 -13.68 11.36 4.68
C GLU D 217 -14.58 10.82 3.58
N MSE D 218 -14.03 10.65 2.38
CA MSE D 218 -14.81 10.08 1.26
C MSE D 218 -15.10 8.62 1.52
O MSE D 218 -16.22 8.18 1.36
CB MSE D 218 -14.14 10.28 -0.10
CG MSE D 218 -14.80 9.38 -1.17
SE MSE D 218 -14.39 10.06 -2.97
CE MSE D 218 -15.60 8.94 -4.01
N ILE D 219 -14.09 7.86 1.91
CA ILE D 219 -14.31 6.43 2.17
C ILE D 219 -15.43 6.27 3.19
N HIS D 220 -15.42 7.08 4.23
CA HIS D 220 -16.46 7.01 5.24
C HIS D 220 -17.84 7.36 4.67
N ALA D 221 -17.91 8.44 3.91
CA ALA D 221 -19.18 8.88 3.34
C ALA D 221 -19.78 7.81 2.42
N ILE D 222 -18.91 7.11 1.69
CA ILE D 222 -19.34 6.06 0.77
C ILE D 222 -20.00 4.95 1.54
N CYS D 223 -19.32 4.48 2.57
CA CYS D 223 -19.87 3.43 3.40
C CYS D 223 -21.20 3.87 3.98
N GLU D 224 -21.26 5.12 4.42
CA GLU D 224 -22.50 5.67 5.02
C GLU D 224 -23.65 5.70 4.01
N ASP D 225 -23.29 5.98 2.77
CA ASP D 225 -24.20 5.96 1.65
C ASP D 225 -24.76 4.54 1.40
N TYR D 226 -23.88 3.54 1.40
CA TYR D 226 -24.32 2.16 1.21
C TYR D 226 -25.16 1.68 2.39
N ARG D 227 -24.80 2.12 3.60
CA ARG D 227 -25.54 1.68 4.82
C ARG D 227 -26.95 2.24 4.82
N ALA D 228 -27.10 3.49 4.39
CA ALA D 228 -28.43 4.10 4.28
C ALA D 228 -29.25 3.30 3.27
N ALA D 229 -28.62 2.94 2.18
CA ALA D 229 -29.31 2.18 1.12
C ALA D 229 -29.81 0.81 1.59
N ALA D 230 -29.16 0.27 2.63
CA ALA D 230 -29.52 -1.04 3.21
C ALA D 230 -30.48 -0.89 4.38
N THR D 231 -30.64 0.36 4.86
CA THR D 231 -31.49 0.63 6.03
C THR D 231 -32.49 1.77 5.83
N ILE D 232 -32.09 2.99 6.16
CA ILE D 232 -33.03 4.09 6.10
C ILE D 232 -33.69 4.35 4.73
N ASP D 233 -32.94 4.23 3.62
CA ASP D 233 -33.52 4.44 2.27
C ASP D 233 -34.70 3.48 2.00
N LEU D 234 -34.54 2.22 2.37
CA LEU D 234 -35.61 1.24 2.16
C LEU D 234 -36.90 1.59 2.93
N ASP D 235 -36.75 2.21 4.12
CA ASP D 235 -37.91 2.68 4.91
C ASP D 235 -38.64 3.77 4.11
N ASP D 236 -37.90 4.76 3.65
CA ASP D 236 -38.52 5.84 2.86
C ASP D 236 -39.26 5.23 1.69
N ASP D 237 -38.62 4.31 0.98
CA ASP D 237 -39.22 3.68 -0.20
C ASP D 237 -40.46 2.83 0.10
N ALA D 238 -40.49 2.21 1.26
CA ALA D 238 -41.68 1.47 1.66
C ALA D 238 -42.75 2.50 2.01
N ALA D 239 -42.39 3.52 2.77
CA ALA D 239 -43.36 4.57 3.17
C ALA D 239 -44.17 5.20 2.02
N ASP D 240 -43.73 5.05 0.76
CA ASP D 240 -44.53 5.56 -0.37
C ASP D 240 -44.56 4.57 -1.55
N THR D 241 -44.60 3.28 -1.23
CA THR D 241 -44.61 2.22 -2.25
C THR D 241 -45.66 2.41 -3.36
N SER D 242 -46.80 3.00 -3.03
CA SER D 242 -47.86 3.18 -4.01
C SER D 242 -47.61 4.39 -4.91
N ALA D 243 -46.66 5.25 -4.55
CA ALA D 243 -46.28 6.40 -5.37
C ALA D 243 -45.54 5.94 -6.63
N ARG D 244 -45.67 6.70 -7.71
CA ARG D 244 -45.00 6.36 -8.96
C ARG D 244 -44.28 7.58 -9.57
N ILE D 245 -43.19 7.35 -10.27
CA ILE D 245 -42.50 8.42 -10.96
C ILE D 245 -43.41 8.74 -12.11
N ARG D 246 -43.79 10.00 -12.26
CA ARG D 246 -44.72 10.37 -13.31
C ARG D 246 -44.16 11.08 -14.54
N CYS D 247 -42.94 11.60 -14.45
CA CYS D 247 -42.28 12.22 -15.59
C CYS D 247 -41.74 11.12 -16.50
N PRO D 248 -41.54 11.41 -17.80
CA PRO D 248 -40.97 10.37 -18.65
C PRO D 248 -39.65 9.78 -18.06
N LEU D 249 -39.47 8.47 -18.17
CA LEU D 249 -38.27 7.79 -17.62
C LEU D 249 -37.58 6.90 -18.61
N GLN D 250 -36.27 7.08 -18.71
CA GLN D 250 -35.45 6.33 -19.60
C GLN D 250 -34.44 5.49 -18.80
N LEU D 251 -34.28 4.22 -19.17
CA LEU D 251 -33.24 3.41 -18.55
C LEU D 251 -32.22 3.01 -19.59
N LEU D 252 -30.96 3.37 -19.33
CA LEU D 252 -29.85 2.92 -20.18
C LEU D 252 -28.93 2.03 -19.33
N TRP D 253 -28.64 0.83 -19.82
CA TRP D 253 -27.79 -0.08 -19.04
C TRP D 253 -26.81 -0.87 -19.94
N GLY D 254 -25.77 -1.42 -19.32
CA GLY D 254 -24.77 -2.20 -20.03
C GLY D 254 -25.26 -3.60 -20.25
N GLY D 255 -25.39 -4.00 -21.52
CA GLY D 255 -25.84 -5.33 -21.87
C GLY D 255 -24.86 -6.36 -21.35
N LEU D 256 -23.59 -5.96 -21.22
CA LEU D 256 -22.51 -6.87 -20.79
C LEU D 256 -22.26 -6.90 -19.28
N GLY D 257 -23.03 -6.13 -18.53
CA GLY D 257 -22.81 -6.02 -17.10
C GLY D 257 -23.78 -6.76 -16.24
N THR D 258 -23.51 -6.69 -14.93
CA THR D 258 -24.26 -7.43 -13.94
C THR D 258 -25.74 -7.12 -14.02
N VAL D 259 -26.08 -5.85 -13.83
CA VAL D 259 -27.49 -5.46 -13.86
C VAL D 259 -28.18 -5.96 -15.12
N GLY D 260 -27.52 -5.84 -16.25
CA GLY D 260 -28.12 -6.26 -17.50
C GLY D 260 -28.37 -7.74 -17.50
N GLN D 261 -27.48 -8.48 -16.88
CA GLN D 261 -27.63 -9.94 -16.91
C GLN D 261 -28.56 -10.49 -15.84
N LEU D 262 -28.87 -9.74 -14.79
CA LEU D 262 -29.67 -10.31 -13.71
C LEU D 262 -31.14 -9.99 -13.76
N TYR D 263 -31.48 -8.81 -14.27
CA TYR D 263 -32.86 -8.34 -14.29
C TYR D 263 -33.33 -7.91 -15.67
N ASN D 264 -34.65 -7.91 -15.81
CA ASN D 264 -35.33 -7.33 -16.96
C ASN D 264 -35.36 -5.88 -16.51
N VAL D 265 -34.33 -5.13 -16.90
CA VAL D 265 -34.17 -3.77 -16.40
C VAL D 265 -35.42 -2.90 -16.56
N VAL D 266 -35.98 -2.85 -17.76
CA VAL D 266 -37.17 -2.03 -18.01
C VAL D 266 -38.35 -2.54 -17.20
N GLY D 267 -38.43 -3.87 -17.04
CA GLY D 267 -39.51 -4.47 -16.27
C GLY D 267 -39.48 -4.15 -14.79
N THR D 268 -38.30 -3.92 -14.21
CA THR D 268 -38.25 -3.62 -12.79
C THR D 268 -38.66 -2.19 -12.53
N TRP D 269 -38.58 -1.32 -13.54
CA TRP D 269 -38.97 0.09 -13.37
C TRP D 269 -40.44 0.38 -13.65
N LYS D 270 -41.11 -0.49 -14.39
CA LYS D 270 -42.55 -0.28 -14.66
C LYS D 270 -43.33 -0.36 -13.36
N GLU D 271 -42.81 -1.13 -12.41
CA GLU D 271 -43.44 -1.25 -11.10
C GLU D 271 -43.27 0.02 -10.27
N LYS D 272 -42.37 0.91 -10.72
CA LYS D 272 -42.05 2.16 -10.00
C LYS D 272 -42.43 3.44 -10.77
N ALA D 273 -42.77 3.31 -12.05
CA ALA D 273 -43.08 4.47 -12.91
C ALA D 273 -44.17 4.23 -13.94
N LEU D 274 -44.84 5.30 -14.34
CA LEU D 274 -45.97 5.20 -15.25
C LEU D 274 -45.60 5.12 -16.74
N ASN D 275 -44.57 5.85 -17.13
CA ASN D 275 -44.16 5.95 -18.53
C ASN D 275 -42.69 5.63 -18.61
N VAL D 276 -42.37 4.43 -19.09
CA VAL D 276 -41.00 3.93 -19.06
C VAL D 276 -40.52 3.30 -20.37
N GLN D 277 -39.26 3.56 -20.70
CA GLN D 277 -38.66 2.98 -21.88
C GLN D 277 -37.16 2.77 -21.61
N GLY D 278 -36.47 2.13 -22.53
CA GLY D 278 -35.05 1.96 -22.37
C GLY D 278 -34.50 0.82 -23.16
N GLU D 279 -33.17 0.73 -23.18
CA GLU D 279 -32.51 -0.34 -23.90
C GLU D 279 -31.11 -0.58 -23.41
N ALA D 280 -30.59 -1.73 -23.78
CA ALA D 280 -29.26 -2.15 -23.38
C ALA D 280 -28.24 -1.60 -24.36
N LEU D 281 -27.13 -1.07 -23.83
CA LEU D 281 -26.04 -0.54 -24.63
C LEU D 281 -24.93 -1.57 -24.58
N PRO D 282 -24.10 -1.64 -25.63
CA PRO D 282 -23.10 -2.71 -25.67
C PRO D 282 -21.89 -2.37 -24.82
N CYS D 283 -22.07 -2.38 -23.52
CA CYS D 283 -20.99 -2.01 -22.63
C CYS D 283 -21.22 -2.54 -21.23
N GLY D 284 -20.30 -2.17 -20.36
CA GLY D 284 -20.38 -2.55 -18.97
C GLY D 284 -21.25 -1.57 -18.20
N HIS D 285 -20.75 -1.13 -17.08
CA HIS D 285 -21.47 -0.28 -16.16
C HIS D 285 -21.56 1.21 -16.48
N SER D 286 -20.61 1.72 -17.24
CA SER D 286 -20.50 3.14 -17.48
C SER D 286 -20.54 3.52 -18.97
N PRO D 287 -21.72 3.44 -19.57
CA PRO D 287 -21.79 3.78 -21.00
C PRO D 287 -21.23 5.17 -21.34
N GLN D 288 -21.26 6.11 -20.41
CA GLN D 288 -20.81 7.46 -20.72
C GLN D 288 -19.31 7.55 -20.87
N GLU D 289 -18.61 6.56 -20.31
CA GLU D 289 -17.17 6.43 -20.49
C GLU D 289 -16.89 5.38 -21.54
N GLU D 290 -17.69 4.31 -21.59
CA GLU D 290 -17.41 3.18 -22.52
C GLU D 290 -17.90 3.28 -23.94
N CYS D 291 -19.11 3.79 -24.15
CA CYS D 291 -19.62 3.95 -25.52
C CYS D 291 -20.33 5.31 -25.58
N PRO D 292 -19.55 6.39 -25.41
CA PRO D 292 -20.11 7.73 -25.30
C PRO D 292 -20.92 8.25 -26.47
N GLU D 293 -20.68 7.81 -27.71
CA GLU D 293 -21.49 8.39 -28.79
C GLU D 293 -22.87 7.73 -28.85
N TYR D 294 -22.96 6.44 -28.54
CA TYR D 294 -24.30 5.79 -28.44
C TYR D 294 -25.06 6.35 -27.27
N PHE D 295 -24.33 6.64 -26.19
CA PHE D 295 -24.95 7.20 -25.01
C PHE D 295 -25.54 8.56 -25.36
N ILE D 296 -24.77 9.39 -26.06
CA ILE D 296 -25.24 10.70 -26.49
C ILE D 296 -26.49 10.56 -27.39
N GLN D 297 -26.39 9.75 -28.45
CA GLN D 297 -27.51 9.53 -29.39
C GLN D 297 -28.81 9.12 -28.65
N LYS D 298 -28.69 8.09 -27.82
CA LYS D 298 -29.84 7.60 -27.07
C LYS D 298 -30.40 8.64 -26.12
N LEU D 299 -29.53 9.42 -25.48
CA LEU D 299 -30.01 10.43 -24.54
C LEU D 299 -30.73 11.53 -25.31
N GLN D 300 -30.06 12.08 -26.31
CA GLN D 300 -30.64 13.14 -27.18
C GLN D 300 -32.03 12.77 -27.73
N SER D 301 -32.17 11.58 -28.32
CA SER D 301 -33.48 11.13 -28.84
C SER D 301 -34.56 11.14 -27.79
N PHE D 302 -34.23 10.71 -26.57
CA PHE D 302 -35.19 10.74 -25.48
C PHE D 302 -35.57 12.15 -25.07
N LEU D 303 -34.58 13.04 -24.94
CA LEU D 303 -34.81 14.41 -24.52
C LEU D 303 -35.60 15.17 -25.60
N HIS D 304 -35.29 14.87 -26.86
CA HIS D 304 -35.99 15.51 -27.99
C HIS D 304 -37.46 15.08 -27.99
N SER D 305 -37.72 13.81 -27.69
CA SER D 305 -39.09 13.30 -27.68
C SER D 305 -39.96 13.89 -26.56
N VAL D 306 -39.39 13.98 -25.37
CA VAL D 306 -40.15 14.36 -24.18
C VAL D 306 -40.18 15.86 -23.88
N LEU D 307 -39.07 16.55 -24.15
CA LEU D 307 -38.98 17.99 -23.89
C LEU D 307 -39.37 18.73 -25.16
CA CA E . 16.10 14.82 -26.87
CL CL F . 16.94 22.12 -9.12
CA CA G . -30.58 -34.01 -0.53
CL CL H . -17.63 -23.00 8.41
CA CA I . 6.41 -4.06 3.75
CA CA J . 18.98 -8.59 22.06
CA CA K . -13.29 -5.29 -16.60
#